data_1HYH
#
_entry.id   1HYH
#
_cell.length_a   135.900
_cell.length_b   135.900
_cell.length_c   205.900
_cell.angle_alpha   90.00
_cell.angle_beta   90.00
_cell.angle_gamma   120.00
#
_symmetry.space_group_name_H-M   'P 32 2 1'
#
loop_
_entity.id
_entity.type
_entity.pdbx_description
1 polymer 'L-2-HYDROXYISOCAPROATE DEHYDROGENASE'
2 non-polymer 'SULFATE ION'
3 non-polymer NICOTINAMIDE-ADENINE-DINUCLEOTIDE
4 water water
#
_entity_poly.entity_id   1
_entity_poly.type   'polypeptide(L)'
_entity_poly.pdbx_seq_one_letter_code
;ARKIGIIGLGNVGAAVAHGLIAQGVADDYVFIDANEAKVKADQIDFQDAMANLEAHGNIVINDWAALADADVVISTLGNI
KLQQDNPTGDRFAELKFTSSMVQSVGTNLKESGFHGVLVVISNPVDVITALFQHVTGFPAHKVIGTGTLLDTARMQRAVG
EAFDLDPRSVSGYNLGEHGNSQFVAWSTVRVMGQPIVTLADAGDIDLAAIEEEARKGGFTVLNGKGYTSYGVATSAIRIA
KAVMADAHAELVVSNRRDDMGMYLSYPAIIGRDGVLAETTLDLTTDEQEKLLQSRDYIQQRFDEIVDTL
;
_entity_poly.pdbx_strand_id   A,B,C,D
#
# COMPACT_ATOMS: atom_id res chain seq x y z
N ALA A 1 0.02 18.16 3.26
CA ALA A 1 0.84 16.95 2.82
C ALA A 1 1.49 16.40 4.06
N ARG A 2 2.07 15.19 3.96
CA ARG A 2 2.70 14.59 5.17
C ARG A 2 4.20 14.81 5.17
N LYS A 3 4.76 15.20 6.28
CA LYS A 3 6.19 15.45 6.39
C LYS A 3 6.71 14.82 7.68
N ILE A 4 7.76 14.00 7.53
CA ILE A 4 8.36 13.33 8.67
C ILE A 4 9.85 13.60 8.75
N GLY A 5 10.31 13.92 9.96
CA GLY A 5 11.72 14.19 10.18
C GLY A 5 12.32 13.02 10.92
N ILE A 6 13.54 12.57 10.54
CA ILE A 6 14.20 11.45 11.23
C ILE A 6 15.56 11.92 11.66
N ILE A 7 15.83 11.92 12.97
CA ILE A 7 17.10 12.37 13.52
C ILE A 7 17.91 11.15 13.92
N GLY A 8 19.00 10.90 13.20
CA GLY A 8 19.88 9.75 13.49
C GLY A 8 19.57 8.67 12.47
N LEU A 9 20.28 8.60 11.36
CA LEU A 9 20.05 7.64 10.32
C LEU A 9 21.03 6.47 10.45
N GLY A 10 20.87 5.67 11.49
CA GLY A 10 21.65 4.50 11.75
C GLY A 10 20.83 3.27 11.40
N ASN A 11 21.04 2.16 12.08
CA ASN A 11 20.28 0.96 11.76
C ASN A 11 18.78 1.17 11.93
N VAL A 12 18.37 1.76 13.02
CA VAL A 12 16.94 1.97 13.27
C VAL A 12 16.43 3.09 12.43
N GLY A 13 17.05 4.26 12.41
CA GLY A 13 16.50 5.36 11.62
C GLY A 13 16.34 5.07 10.16
N ALA A 14 17.30 4.38 9.57
CA ALA A 14 17.26 3.99 8.15
C ALA A 14 16.23 2.95 7.90
N ALA A 15 15.90 2.08 8.85
CA ALA A 15 14.83 1.08 8.68
C ALA A 15 13.47 1.78 8.77
N VAL A 16 13.37 2.82 9.61
CA VAL A 16 12.14 3.63 9.74
C VAL A 16 11.88 4.28 8.39
N ALA A 17 12.91 4.92 7.87
CA ALA A 17 12.82 5.58 6.55
C ALA A 17 12.46 4.59 5.48
N HIS A 18 13.08 3.41 5.42
CA HIS A 18 12.72 2.44 4.37
C HIS A 18 11.31 1.93 4.52
N GLY A 19 10.86 1.71 5.73
CA GLY A 19 9.46 1.25 5.96
C GLY A 19 8.45 2.29 5.49
N LEU A 20 8.69 3.59 5.76
CA LEU A 20 7.83 4.66 5.33
C LEU A 20 7.94 4.81 3.82
N ILE A 21 9.17 4.89 3.31
CA ILE A 21 9.28 5.10 1.83
C ILE A 21 8.73 3.97 1.00
N ALA A 22 8.89 2.71 1.45
CA ALA A 22 8.40 1.54 0.75
C ALA A 22 6.88 1.56 0.63
N GLN A 23 6.15 2.09 1.60
CA GLN A 23 4.70 2.17 1.50
C GLN A 23 4.26 3.55 0.99
N GLY A 24 5.16 4.49 0.81
CA GLY A 24 4.73 5.82 0.33
C GLY A 24 3.89 6.51 1.38
N VAL A 25 4.27 6.46 2.63
CA VAL A 25 3.49 7.06 3.69
C VAL A 25 3.56 8.59 3.70
N ALA A 26 4.73 9.18 3.60
CA ALA A 26 4.90 10.60 3.64
C ALA A 26 5.23 11.18 2.27
N ASP A 27 5.13 12.51 2.18
CA ASP A 27 5.44 13.17 0.93
C ASP A 27 6.84 13.72 1.01
N ASP A 28 7.19 14.33 2.14
CA ASP A 28 8.45 14.97 2.39
C ASP A 28 9.14 14.37 3.61
N TYR A 29 10.47 14.09 3.48
CA TYR A 29 11.23 13.53 4.57
C TYR A 29 12.45 14.40 4.85
N VAL A 30 12.83 14.50 6.12
CA VAL A 30 14.00 15.31 6.46
C VAL A 30 14.92 14.37 7.21
N PHE A 31 16.13 14.11 6.66
CA PHE A 31 17.05 13.15 7.34
C PHE A 31 18.08 14.01 8.04
N ILE A 32 18.36 13.79 9.29
CA ILE A 32 19.35 14.59 10.00
C ILE A 32 20.32 13.62 10.71
N ASP A 33 21.63 13.82 10.50
CA ASP A 33 22.57 12.94 11.19
C ASP A 33 23.86 13.71 11.40
N ALA A 34 24.54 13.51 12.49
CA ALA A 34 25.79 14.20 12.77
C ALA A 34 26.86 13.79 11.76
N ASN A 35 26.82 12.55 11.34
CA ASN A 35 27.74 12.04 10.36
C ASN A 35 27.21 12.41 8.99
N GLU A 36 27.80 13.42 8.40
CA GLU A 36 27.36 13.93 7.10
C GLU A 36 27.46 12.94 5.96
N ALA A 37 28.59 12.28 5.79
CA ALA A 37 28.72 11.34 4.65
C ALA A 37 27.70 10.22 4.73
N LYS A 38 27.35 9.73 5.90
CA LYS A 38 26.39 8.66 6.06
C LYS A 38 25.00 9.06 5.59
N VAL A 39 24.51 10.20 6.12
CA VAL A 39 23.16 10.64 5.76
C VAL A 39 23.04 10.99 4.28
N LYS A 40 24.08 11.56 3.71
CA LYS A 40 24.08 11.87 2.26
C LYS A 40 24.09 10.60 1.46
N ALA A 41 24.75 9.54 1.95
CA ALA A 41 24.77 8.23 1.29
C ALA A 41 23.40 7.61 1.24
N ASP A 42 22.67 7.69 2.36
CA ASP A 42 21.31 7.18 2.45
C ASP A 42 20.33 8.00 1.60
N GLN A 43 20.51 9.33 1.54
CA GLN A 43 19.64 10.17 0.72
C GLN A 43 19.73 9.76 -0.74
N ILE A 44 20.95 9.68 -1.25
CA ILE A 44 21.17 9.29 -2.65
C ILE A 44 20.67 7.89 -2.96
N ASP A 45 20.96 6.95 -2.09
CA ASP A 45 20.52 5.54 -2.29
C ASP A 45 19.03 5.46 -2.35
N PHE A 46 18.32 6.24 -1.54
CA PHE A 46 16.84 6.31 -1.59
C PHE A 46 16.34 7.01 -2.85
N GLN A 47 17.04 8.07 -3.25
CA GLN A 47 16.70 8.78 -4.47
C GLN A 47 16.95 7.95 -5.70
N ASP A 48 17.83 6.99 -5.65
CA ASP A 48 18.09 6.04 -6.73
C ASP A 48 16.99 4.98 -6.80
N ALA A 49 16.27 4.78 -5.69
CA ALA A 49 15.18 3.82 -5.66
C ALA A 49 13.93 4.38 -6.25
N MET A 50 13.77 5.71 -6.16
CA MET A 50 12.56 6.42 -6.62
C MET A 50 12.15 6.05 -8.01
N ALA A 51 12.97 5.96 -9.03
CA ALA A 51 12.45 5.59 -10.35
C ALA A 51 11.77 4.25 -10.34
N ASN A 52 12.14 3.37 -9.41
CA ASN A 52 11.55 2.04 -9.37
C ASN A 52 10.57 1.84 -8.23
N LEU A 53 10.26 2.93 -7.51
CA LEU A 53 9.26 2.83 -6.41
C LEU A 53 7.88 3.20 -6.96
N GLU A 54 6.80 2.82 -6.30
CA GLU A 54 5.45 3.16 -6.76
C GLU A 54 4.98 4.53 -6.34
N ALA A 55 5.41 5.04 -5.22
CA ALA A 55 5.02 6.34 -4.69
C ALA A 55 6.25 7.22 -4.60
N HIS A 56 6.05 8.52 -4.72
CA HIS A 56 7.15 9.49 -4.67
C HIS A 56 7.29 10.10 -3.28
N GLY A 57 8.54 10.47 -2.95
CA GLY A 57 8.79 11.11 -1.65
C GLY A 57 9.97 12.04 -1.89
N ASN A 58 10.02 13.17 -1.21
CA ASN A 58 11.10 14.14 -1.36
C ASN A 58 11.97 14.02 -0.15
N ILE A 59 13.30 14.11 -0.31
CA ILE A 59 14.20 13.97 0.85
C ILE A 59 15.21 15.07 0.98
N VAL A 60 15.30 15.75 2.12
CA VAL A 60 16.29 16.79 2.29
C VAL A 60 17.10 16.36 3.49
N ILE A 61 18.36 16.81 3.57
CA ILE A 61 19.18 16.39 4.70
C ILE A 61 19.71 17.56 5.50
N ASN A 62 19.97 17.31 6.76
CA ASN A 62 20.52 18.22 7.72
C ASN A 62 20.06 19.64 7.57
N ASP A 63 18.75 19.85 7.59
CA ASP A 63 18.15 21.16 7.47
C ASP A 63 17.14 21.31 8.59
N TRP A 64 17.52 21.90 9.71
CA TRP A 64 16.60 22.05 10.83
C TRP A 64 15.35 22.84 10.52
N ALA A 65 15.48 23.92 9.75
CA ALA A 65 14.34 24.77 9.40
C ALA A 65 13.31 24.01 8.62
N ALA A 66 13.66 22.94 7.91
CA ALA A 66 12.73 22.09 7.19
C ALA A 66 11.84 21.31 8.14
N LEU A 67 12.14 21.25 9.42
CA LEU A 67 11.28 20.60 10.39
C LEU A 67 10.11 21.40 10.88
N ALA A 68 10.07 22.69 10.62
CA ALA A 68 9.04 23.62 11.04
C ALA A 68 7.62 23.12 10.80
N ASP A 69 7.35 22.56 9.64
CA ASP A 69 6.00 22.06 9.36
C ASP A 69 5.92 20.54 9.29
N ALA A 70 6.80 19.86 10.02
CA ALA A 70 6.73 18.41 10.05
C ALA A 70 5.62 18.00 10.99
N ASP A 71 4.94 16.90 10.65
CA ASP A 71 3.86 16.36 11.48
C ASP A 71 4.45 15.62 12.67
N VAL A 72 5.47 14.78 12.36
CA VAL A 72 6.16 13.93 13.32
C VAL A 72 7.64 13.99 13.12
N VAL A 73 8.37 14.01 14.23
CA VAL A 73 9.84 13.97 14.18
C VAL A 73 10.22 12.72 15.00
N ILE A 74 11.01 11.82 14.40
CA ILE A 74 11.43 10.58 15.09
C ILE A 74 12.89 10.63 15.46
N SER A 75 13.20 10.49 16.74
CA SER A 75 14.57 10.53 17.23
C SER A 75 15.14 9.13 17.37
N THR A 76 16.10 8.80 16.51
CA THR A 76 16.70 7.48 16.51
C THR A 76 18.22 7.56 16.63
N LEU A 77 18.75 8.61 17.21
CA LEU A 77 20.15 8.83 17.43
C LEU A 77 20.62 8.00 18.63
N GLY A 78 21.93 7.73 18.67
CA GLY A 78 22.51 6.93 19.76
C GLY A 78 23.79 6.27 19.25
N ASN A 79 24.29 5.33 20.01
CA ASN A 79 25.53 4.64 19.60
C ASN A 79 25.31 3.18 19.96
N ILE A 80 24.91 2.35 19.01
CA ILE A 80 24.65 0.94 19.27
C ILE A 80 25.86 0.21 19.79
N LYS A 81 27.09 0.66 19.58
CA LYS A 81 28.28 0.03 20.12
C LYS A 81 28.21 0.05 21.64
N LEU A 82 27.55 0.96 22.30
CA LEU A 82 27.43 0.98 23.74
C LEU A 82 26.41 -0.03 24.19
N GLN A 83 25.61 -0.65 23.34
CA GLN A 83 24.68 -1.68 23.76
C GLN A 83 25.32 -3.05 23.49
N GLN A 84 26.15 -3.12 22.45
CA GLN A 84 26.78 -4.37 22.04
C GLN A 84 27.60 -4.92 23.17
N PHE A 92 20.89 1.56 28.32
CA PHE A 92 21.20 2.27 29.50
C PHE A 92 22.66 2.66 29.67
N ALA A 93 23.67 1.88 29.24
CA ALA A 93 25.08 2.36 29.36
C ALA A 93 25.33 3.46 28.30
N GLU A 94 24.40 3.48 27.34
CA GLU A 94 24.26 4.40 26.28
C GLU A 94 23.84 5.75 26.81
N LEU A 95 23.33 5.85 28.02
CA LEU A 95 22.89 7.07 28.64
C LEU A 95 23.93 8.17 28.61
N LYS A 96 25.22 7.92 28.84
CA LYS A 96 26.24 8.97 28.78
C LYS A 96 26.34 9.56 27.38
N PHE A 97 26.12 8.76 26.37
CA PHE A 97 26.13 9.20 24.99
C PHE A 97 24.88 9.97 24.64
N THR A 98 23.74 9.26 24.65
CA THR A 98 22.50 9.96 24.22
C THR A 98 22.15 11.17 25.05
N SER A 99 22.39 11.20 26.34
CA SER A 99 22.08 12.37 27.18
C SER A 99 22.97 13.53 26.80
N SER A 100 24.17 13.26 26.29
CA SER A 100 25.09 14.28 25.83
C SER A 100 24.55 14.94 24.57
N MET A 101 23.71 14.26 23.79
CA MET A 101 23.17 14.78 22.57
C MET A 101 21.87 15.55 22.66
N VAL A 102 21.04 15.26 23.65
CA VAL A 102 19.74 15.91 23.79
C VAL A 102 19.77 17.42 23.95
N GLN A 103 20.69 18.07 24.62
CA GLN A 103 20.68 19.52 24.74
C GLN A 103 20.74 20.16 23.37
N SER A 104 21.74 19.83 22.55
CA SER A 104 21.84 20.49 21.23
C SER A 104 20.75 20.07 20.27
N VAL A 105 20.41 18.80 20.22
CA VAL A 105 19.34 18.34 19.32
C VAL A 105 18.03 18.97 19.77
N GLY A 106 17.77 18.97 21.08
CA GLY A 106 16.58 19.55 21.64
C GLY A 106 16.46 21.05 21.35
N THR A 107 17.55 21.79 21.53
CA THR A 107 17.50 23.22 21.28
C THR A 107 17.28 23.49 19.81
N ASN A 108 17.91 22.83 18.89
CA ASN A 108 17.71 23.05 17.46
C ASN A 108 16.26 22.75 17.08
N LEU A 109 15.71 21.69 17.68
CA LEU A 109 14.34 21.26 17.45
C LEU A 109 13.36 22.34 17.88
N LYS A 110 13.53 22.89 19.06
CA LYS A 110 12.71 23.96 19.56
C LYS A 110 12.82 25.22 18.67
N GLU A 111 14.06 25.61 18.36
CA GLU A 111 14.33 26.74 17.51
C GLU A 111 13.87 26.59 16.11
N SER A 112 13.63 25.42 15.53
CA SER A 112 13.21 25.29 14.16
C SER A 112 11.78 25.70 13.94
N GLY A 113 10.99 25.77 15.01
CA GLY A 113 9.59 26.14 14.90
C GLY A 113 8.69 24.94 14.82
N PHE A 114 9.29 23.77 15.00
CA PHE A 114 8.57 22.49 14.96
C PHE A 114 7.50 22.49 16.05
N HIS A 115 6.31 22.01 15.74
CA HIS A 115 5.28 21.99 16.79
C HIS A 115 4.42 20.76 16.65
N GLY A 116 4.96 19.71 16.05
CA GLY A 116 4.19 18.47 15.88
C GLY A 116 4.49 17.57 17.05
N VAL A 117 4.39 16.27 16.85
CA VAL A 117 4.69 15.29 17.91
C VAL A 117 6.09 14.73 17.73
N LEU A 118 6.81 14.60 18.84
CA LEU A 118 8.15 14.05 18.86
C LEU A 118 8.11 12.63 19.39
N VAL A 119 8.59 11.67 18.58
CA VAL A 119 8.61 10.27 18.99
C VAL A 119 10.05 9.86 19.21
N VAL A 120 10.42 9.47 20.42
CA VAL A 120 11.77 9.11 20.80
C VAL A 120 11.98 7.61 20.83
N ILE A 121 13.09 7.17 20.26
CA ILE A 121 13.48 5.76 20.22
C ILE A 121 14.79 5.60 20.99
N SER A 122 15.64 6.62 20.91
CA SER A 122 16.95 6.62 21.57
C SER A 122 16.90 6.03 22.97
N ASN A 123 17.81 5.09 23.32
CA ASN A 123 17.81 4.48 24.64
C ASN A 123 18.74 5.19 25.61
N PRO A 124 18.43 5.11 26.91
CA PRO A 124 17.26 4.48 27.49
C PRO A 124 16.01 5.33 27.21
N VAL A 125 15.12 4.83 26.37
CA VAL A 125 13.91 5.52 25.91
C VAL A 125 13.15 6.27 26.95
N ASP A 126 12.79 5.73 28.09
CA ASP A 126 12.04 6.54 29.08
C ASP A 126 12.81 7.73 29.55
N VAL A 127 14.05 7.60 29.95
CA VAL A 127 14.82 8.75 30.43
C VAL A 127 15.09 9.74 29.30
N ILE A 128 15.45 9.31 28.12
CA ILE A 128 15.68 10.28 27.03
C ILE A 128 14.44 10.98 26.62
N THR A 129 13.29 10.28 26.63
CA THR A 129 12.04 10.98 26.31
C THR A 129 11.85 12.12 27.28
N ALA A 130 12.02 11.90 28.58
CA ALA A 130 11.88 12.92 29.61
C ALA A 130 12.85 14.05 29.43
N LEU A 131 14.11 13.81 29.13
CA LEU A 131 15.06 14.91 28.96
C LEU A 131 14.74 15.72 27.72
N PHE A 132 14.20 15.10 26.69
CA PHE A 132 13.82 15.81 25.48
C PHE A 132 12.68 16.77 25.85
N GLN A 133 11.70 16.25 26.59
CA GLN A 133 10.57 17.11 27.02
C GLN A 133 11.13 18.27 27.81
N HIS A 134 12.06 18.01 28.69
CA HIS A 134 12.71 19.01 29.52
C HIS A 134 13.50 20.04 28.76
N VAL A 135 14.28 19.71 27.75
CA VAL A 135 15.08 20.68 26.98
C VAL A 135 14.24 21.44 25.98
N THR A 136 13.36 20.77 25.26
CA THR A 136 12.56 21.47 24.24
C THR A 136 11.55 22.37 24.84
N GLY A 137 10.99 21.95 25.98
CA GLY A 137 9.93 22.72 26.62
C GLY A 137 8.59 22.44 25.97
N PHE A 138 8.51 21.46 25.09
CA PHE A 138 7.25 21.11 24.44
C PHE A 138 6.32 20.53 25.49
N PRO A 139 5.03 20.64 25.29
CA PRO A 139 4.09 20.05 26.25
C PRO A 139 4.38 18.59 26.33
N ALA A 140 4.33 17.98 27.51
CA ALA A 140 4.56 16.55 27.68
C ALA A 140 3.70 15.68 26.82
N HIS A 141 2.50 16.08 26.41
CA HIS A 141 1.66 15.24 25.53
C HIS A 141 2.13 15.26 24.09
N LYS A 142 3.06 16.14 23.74
CA LYS A 142 3.62 16.17 22.40
C LYS A 142 4.94 15.40 22.29
N VAL A 143 5.48 14.92 23.40
CA VAL A 143 6.71 14.19 23.46
C VAL A 143 6.50 12.82 24.06
N ILE A 144 6.59 11.78 23.22
CA ILE A 144 6.37 10.41 23.65
C ILE A 144 7.49 9.47 23.17
N GLY A 145 7.54 8.28 23.73
CA GLY A 145 8.57 7.30 23.36
C GLY A 145 7.98 5.99 22.96
N THR A 146 8.67 5.21 22.12
CA THR A 146 8.13 3.89 21.73
C THR A 146 7.94 3.02 22.98
N GLY A 147 8.80 3.18 23.96
CA GLY A 147 8.74 2.45 25.23
C GLY A 147 8.41 1.01 25.10
N THR A 148 7.42 0.46 25.79
CA THR A 148 7.18 -0.99 25.68
C THR A 148 6.26 -1.37 24.57
N LEU A 149 6.12 -0.58 23.51
CA LEU A 149 5.29 -1.01 22.36
C LEU A 149 6.06 -2.15 21.68
N LEU A 150 7.40 -2.13 21.74
CA LEU A 150 8.24 -3.16 21.18
C LEU A 150 8.19 -4.38 22.07
N ASP A 151 8.36 -4.17 23.37
CA ASP A 151 8.28 -5.25 24.35
C ASP A 151 6.97 -5.98 24.28
N THR A 152 5.86 -5.25 24.12
CA THR A 152 4.55 -5.89 23.98
C THR A 152 4.46 -6.69 22.70
N ALA A 153 5.08 -6.22 21.62
CA ALA A 153 5.05 -6.94 20.34
C ALA A 153 5.87 -8.24 20.46
N ARG A 154 6.87 -8.29 21.31
CA ARG A 154 7.69 -9.51 21.53
C ARG A 154 6.88 -10.52 22.33
N MET A 155 6.09 -10.00 23.27
CA MET A 155 5.17 -10.77 24.10
C MET A 155 4.12 -11.34 23.18
N GLN A 156 3.53 -10.56 22.32
CA GLN A 156 2.52 -11.11 21.42
C GLN A 156 3.12 -12.15 20.49
N ARG A 157 4.35 -11.97 20.02
CA ARG A 157 5.01 -12.94 19.16
C ARG A 157 5.18 -14.25 19.92
N ALA A 158 5.73 -14.17 21.13
CA ALA A 158 5.95 -15.34 21.98
C ALA A 158 4.65 -16.02 22.27
N VAL A 159 3.60 -15.29 22.70
CA VAL A 159 2.31 -15.97 22.94
C VAL A 159 1.72 -16.49 21.65
N GLY A 160 1.99 -15.82 20.54
CA GLY A 160 1.48 -16.25 19.25
C GLY A 160 2.06 -17.58 18.84
N GLU A 161 3.36 -17.74 19.00
CA GLU A 161 4.05 -18.98 18.64
C GLU A 161 3.50 -20.14 19.47
N ALA A 162 3.30 -19.93 20.76
CA ALA A 162 2.78 -20.93 21.65
C ALA A 162 1.40 -21.40 21.25
N PHE A 163 0.46 -20.50 20.90
CA PHE A 163 -0.87 -20.95 20.50
C PHE A 163 -1.06 -21.02 19.01
N ASP A 164 0.01 -20.80 18.27
CA ASP A 164 -0.06 -20.86 16.80
C ASP A 164 -1.12 -19.87 16.29
N LEU A 165 -1.08 -18.65 16.82
CA LEU A 165 -1.99 -17.57 16.52
C LEU A 165 -1.28 -16.36 15.88
N ASP A 166 -2.12 -15.55 15.24
CA ASP A 166 -1.64 -14.28 14.63
C ASP A 166 -1.29 -13.44 15.84
N PRO A 167 -0.10 -12.86 15.91
CA PRO A 167 0.30 -12.05 17.07
C PRO A 167 -0.65 -10.88 17.29
N ARG A 168 -1.27 -10.35 16.25
CA ARG A 168 -2.21 -9.27 16.27
C ARG A 168 -3.48 -9.69 16.98
N SER A 169 -3.72 -11.01 17.12
CA SER A 169 -4.86 -11.55 17.83
C SER A 169 -4.62 -11.73 19.33
N VAL A 170 -3.44 -11.36 19.81
CA VAL A 170 -3.15 -11.48 21.23
C VAL A 170 -3.30 -10.12 21.85
N SER A 171 -4.06 -10.02 22.95
CA SER A 171 -4.21 -8.68 23.54
C SER A 171 -3.48 -8.60 24.86
N GLY A 172 -3.21 -7.40 25.35
CA GLY A 172 -2.47 -7.32 26.62
C GLY A 172 -1.29 -6.41 26.44
N TYR A 173 -0.67 -6.00 27.56
CA TYR A 173 0.45 -5.12 27.48
C TYR A 173 1.58 -5.49 28.46
N ASN A 174 2.73 -4.96 28.09
CA ASN A 174 3.97 -4.98 28.81
C ASN A 174 4.10 -3.54 29.35
N LEU A 175 4.28 -3.35 30.62
CA LEU A 175 4.34 -1.96 31.12
C LEU A 175 5.63 -1.64 31.79
N GLY A 176 5.84 -0.38 32.18
CA GLY A 176 7.03 -0.02 32.86
C GLY A 176 8.18 0.51 32.03
N GLU A 177 9.40 0.30 32.50
CA GLU A 177 10.64 0.80 31.93
C GLU A 177 11.24 -0.13 30.89
N HIS A 178 11.30 0.33 29.64
CA HIS A 178 11.83 -0.44 28.56
C HIS A 178 13.31 -0.70 28.82
N GLY A 179 13.68 -1.96 28.61
CA GLY A 179 15.02 -2.46 28.72
C GLY A 179 15.57 -2.61 30.12
N ASN A 180 14.70 -2.84 31.07
CA ASN A 180 15.12 -3.00 32.46
C ASN A 180 13.93 -3.53 33.25
N SER A 181 13.24 -2.73 34.05
CA SER A 181 12.11 -3.28 34.80
C SER A 181 10.80 -3.40 34.06
N GLN A 182 10.67 -3.33 32.74
CA GLN A 182 9.36 -3.54 32.10
C GLN A 182 8.84 -4.94 32.40
N PHE A 183 7.53 -5.20 32.45
CA PHE A 183 6.99 -6.50 32.76
C PHE A 183 5.77 -6.82 31.98
N VAL A 184 5.36 -8.05 31.87
CA VAL A 184 4.14 -8.40 31.14
C VAL A 184 2.99 -8.33 32.13
N ALA A 185 1.95 -7.59 31.87
CA ALA A 185 0.77 -7.52 32.77
C ALA A 185 -0.13 -8.66 32.34
N TRP A 186 0.16 -9.86 32.84
CA TRP A 186 -0.57 -11.07 32.45
C TRP A 186 -2.04 -10.97 32.72
N SER A 187 -2.49 -10.09 33.61
CA SER A 187 -3.92 -9.94 33.85
C SER A 187 -4.59 -9.36 32.62
N THR A 188 -3.91 -8.57 31.79
CA THR A 188 -4.47 -7.97 30.59
C THR A 188 -4.36 -8.84 29.37
N VAL A 189 -3.58 -9.91 29.41
CA VAL A 189 -3.39 -10.72 28.18
C VAL A 189 -4.53 -11.65 27.92
N ARG A 190 -5.06 -11.73 26.71
CA ARG A 190 -6.15 -12.66 26.44
C ARG A 190 -5.93 -13.31 25.07
N VAL A 191 -6.17 -14.62 24.97
CA VAL A 191 -5.99 -15.34 23.73
C VAL A 191 -7.17 -16.27 23.51
N MET A 192 -7.71 -16.17 22.31
CA MET A 192 -8.85 -16.96 21.90
C MET A 192 -10.04 -16.95 22.84
N GLY A 193 -10.43 -15.76 23.29
CA GLY A 193 -11.51 -15.51 24.16
C GLY A 193 -11.28 -15.65 25.63
N GLN A 194 -10.21 -16.25 26.07
CA GLN A 194 -9.89 -16.49 27.45
C GLN A 194 -8.68 -15.71 27.92
N PRO A 195 -8.64 -15.38 29.19
CA PRO A 195 -7.53 -14.68 29.80
C PRO A 195 -6.42 -15.70 29.86
N ILE A 196 -5.22 -15.34 29.49
CA ILE A 196 -4.14 -16.35 29.46
C ILE A 196 -3.90 -16.91 30.84
N VAL A 197 -4.09 -16.20 31.95
CA VAL A 197 -3.85 -16.85 33.24
C VAL A 197 -4.82 -17.96 33.51
N THR A 198 -6.00 -18.04 32.91
CA THR A 198 -6.82 -19.23 33.19
C THR A 198 -6.51 -20.32 32.16
N LEU A 199 -5.37 -20.30 31.50
CA LEU A 199 -4.96 -21.32 30.55
C LEU A 199 -3.66 -21.99 30.99
N ILE A 205 0.17 -23.77 29.77
CA ILE A 205 1.32 -23.04 29.31
C ILE A 205 2.26 -22.55 30.42
N ASP A 206 3.58 -22.43 30.13
CA ASP A 206 4.54 -21.90 31.13
C ASP A 206 4.64 -20.39 30.88
N LEU A 207 3.85 -19.57 31.56
CA LEU A 207 3.88 -18.13 31.33
C LEU A 207 5.24 -17.48 31.48
N ALA A 208 6.03 -17.91 32.45
CA ALA A 208 7.38 -17.41 32.67
C ALA A 208 8.29 -17.82 31.52
N ALA A 209 8.09 -18.97 30.90
CA ALA A 209 8.83 -19.41 29.72
C ALA A 209 8.56 -18.43 28.56
N ILE A 210 7.26 -18.12 28.40
CA ILE A 210 6.79 -17.18 27.41
C ILE A 210 7.38 -15.82 27.78
N GLU A 211 7.29 -15.40 29.04
CA GLU A 211 7.89 -14.14 29.42
C GLU A 211 9.39 -14.13 29.19
N GLU A 212 10.09 -15.23 29.38
CA GLU A 212 11.54 -15.26 29.17
C GLU A 212 11.92 -15.10 27.69
N GLU A 213 11.17 -15.78 26.86
CA GLU A 213 11.29 -15.72 25.40
C GLU A 213 11.02 -14.30 24.95
N ALA A 214 10.05 -13.62 25.57
CA ALA A 214 9.72 -12.24 25.28
C ALA A 214 10.86 -11.35 25.74
N ARG A 215 11.25 -11.39 26.99
CA ARG A 215 12.34 -10.59 27.56
C ARG A 215 13.74 -10.90 27.02
N LYS A 216 14.11 -12.14 26.75
CA LYS A 216 15.44 -12.44 26.25
C LYS A 216 15.52 -12.39 24.76
N GLY A 217 14.37 -12.44 24.08
CA GLY A 217 14.24 -12.33 22.63
C GLY A 217 14.95 -11.13 22.04
N GLY A 218 14.99 -10.00 22.68
CA GLY A 218 15.67 -8.81 22.22
C GLY A 218 17.17 -8.96 22.29
N PHE A 219 17.70 -9.75 23.26
CA PHE A 219 19.17 -9.95 23.33
C PHE A 219 19.56 -10.95 22.24
N THR A 220 18.71 -11.91 21.96
CA THR A 220 18.96 -12.85 20.88
C THR A 220 19.19 -12.11 19.59
N VAL A 221 18.32 -11.13 19.28
CA VAL A 221 18.48 -10.37 18.03
C VAL A 221 19.73 -9.54 18.02
N LEU A 222 20.05 -8.81 19.06
CA LEU A 222 21.25 -7.97 19.14
C LEU A 222 22.50 -8.83 19.04
N ASN A 223 22.43 -9.95 19.77
CA ASN A 223 23.47 -10.94 19.78
C ASN A 223 23.67 -11.53 18.41
N GLY A 224 22.64 -11.84 17.66
CA GLY A 224 22.76 -12.44 16.34
C GLY A 224 23.24 -11.56 15.24
N LYS A 225 22.85 -10.27 15.22
CA LYS A 225 23.27 -9.41 14.12
C LYS A 225 23.90 -8.13 14.57
N GLY A 226 23.95 -7.85 15.88
CA GLY A 226 24.58 -6.62 16.35
C GLY A 226 23.71 -5.44 16.62
N TYR A 227 22.43 -5.50 16.34
CA TYR A 227 21.48 -4.41 16.56
C TYR A 227 20.09 -4.97 16.39
N THR A 228 19.09 -4.12 16.57
CA THR A 228 17.69 -4.57 16.33
C THR A 228 17.10 -3.40 15.47
N SER A 229 16.30 -3.71 14.46
CA SER A 229 15.79 -2.68 13.59
C SER A 229 14.35 -2.87 13.20
N TYR A 230 13.91 -3.91 12.57
CA TYR A 230 12.52 -4.04 12.14
C TYR A 230 11.48 -3.98 13.22
N GLY A 231 11.65 -4.58 14.38
CA GLY A 231 10.75 -4.54 15.47
C GLY A 231 10.42 -3.12 15.93
N VAL A 232 11.43 -2.36 16.32
CA VAL A 232 11.24 -1.02 16.83
C VAL A 232 10.89 -0.02 15.73
N ALA A 233 11.38 -0.19 14.54
CA ALA A 233 11.09 0.72 13.42
C ALA A 233 9.61 0.68 13.13
N THR A 234 9.03 -0.50 13.12
CA THR A 234 7.62 -0.69 12.82
C THR A 234 6.78 -0.13 13.96
N SER A 235 7.22 -0.14 15.21
CA SER A 235 6.50 0.38 16.36
C SER A 235 6.41 1.90 16.21
N ALA A 236 7.49 2.60 15.78
CA ALA A 236 7.57 4.01 15.54
C ALA A 236 6.67 4.40 14.37
N ILE A 237 6.63 3.63 13.31
CA ILE A 237 5.81 3.91 12.14
C ILE A 237 4.35 3.81 12.52
N ARG A 238 3.97 2.85 13.35
CA ARG A 238 2.60 2.72 13.77
C ARG A 238 2.15 3.96 14.56
N ILE A 239 2.98 4.47 15.46
CA ILE A 239 2.68 5.66 16.21
C ILE A 239 2.69 6.80 15.25
N ALA A 240 3.64 7.04 14.39
CA ALA A 240 3.64 8.13 13.45
C ALA A 240 2.43 8.11 12.59
N LYS A 241 1.86 7.07 12.09
CA LYS A 241 0.64 7.07 11.31
C LYS A 241 -0.58 7.41 12.14
N ALA A 242 -0.62 7.05 13.43
CA ALA A 242 -1.74 7.35 14.32
C ALA A 242 -1.78 8.83 14.57
N VAL A 243 -0.68 9.52 14.67
CA VAL A 243 -0.57 10.93 14.87
C VAL A 243 -1.07 11.66 13.64
N MET A 244 -0.50 11.45 12.49
CA MET A 244 -0.89 12.14 11.27
C MET A 244 -2.33 11.96 10.91
N ALA A 245 -2.92 10.82 11.14
CA ALA A 245 -4.30 10.52 10.80
C ALA A 245 -5.24 10.91 11.91
N ASP A 246 -4.70 11.36 13.04
CA ASP A 246 -5.51 11.72 14.20
C ASP A 246 -6.47 10.60 14.54
N ALA A 247 -5.94 9.34 14.61
CA ALA A 247 -6.76 8.18 14.84
C ALA A 247 -7.40 8.05 16.18
N HIS A 248 -6.81 8.58 17.25
CA HIS A 248 -7.33 8.39 18.61
C HIS A 248 -7.22 6.91 18.93
N ALA A 249 -6.05 6.33 18.59
CA ALA A 249 -5.75 4.93 18.76
C ALA A 249 -5.12 4.70 20.11
N GLU A 250 -5.51 3.61 20.75
CA GLU A 250 -4.90 3.26 22.04
C GLU A 250 -3.62 2.50 21.75
N LEU A 251 -2.50 2.96 22.23
CA LEU A 251 -1.18 2.37 22.06
C LEU A 251 -0.43 2.45 23.35
N VAL A 252 0.39 1.40 23.61
CA VAL A 252 1.18 1.46 24.85
C VAL A 252 2.42 2.20 24.44
N VAL A 253 2.72 3.36 25.01
CA VAL A 253 3.86 4.19 24.65
C VAL A 253 4.37 4.80 25.94
N SER A 254 5.55 5.37 25.88
CA SER A 254 6.13 6.00 27.07
C SER A 254 5.52 7.40 27.13
N ASN A 255 4.66 7.64 28.11
CA ASN A 255 3.99 8.93 28.26
C ASN A 255 3.99 9.36 29.71
N ARG A 256 3.87 10.66 29.92
CA ARG A 256 3.88 11.13 31.30
C ARG A 256 2.47 11.23 31.89
N ARG A 257 2.14 10.27 32.72
CA ARG A 257 0.83 10.27 33.35
C ARG A 257 0.84 11.18 34.56
N ASP A 258 -0.26 11.83 34.86
CA ASP A 258 -0.29 12.74 36.02
C ASP A 258 -0.01 12.01 37.32
N ASP A 259 -0.65 10.86 37.50
CA ASP A 259 -0.48 10.06 38.70
C ASP A 259 0.92 9.50 38.88
N MET A 260 1.68 9.33 37.82
CA MET A 260 3.04 8.78 37.84
C MET A 260 4.05 9.88 38.02
N GLY A 261 3.84 11.04 37.37
CA GLY A 261 4.76 12.16 37.46
C GLY A 261 6.11 11.98 36.78
N MET A 262 6.29 10.95 35.99
CA MET A 262 7.48 10.61 35.26
C MET A 262 7.05 9.77 34.08
N TYR A 263 7.83 9.83 33.04
CA TYR A 263 7.54 9.04 31.84
C TYR A 263 7.71 7.56 32.12
N LEU A 264 6.84 6.71 31.63
CA LEU A 264 6.92 5.27 31.77
C LEU A 264 5.81 4.77 30.81
N SER A 265 5.91 3.54 30.35
CA SER A 265 4.94 3.01 29.43
C SER A 265 3.66 2.50 30.10
N TYR A 266 2.57 2.93 29.49
CA TYR A 266 1.21 2.63 29.92
C TYR A 266 0.35 3.06 28.73
N PRO A 267 -0.62 2.25 28.36
CA PRO A 267 -1.48 2.59 27.25
C PRO A 267 -2.08 3.97 27.32
N ALA A 268 -2.19 4.70 26.21
CA ALA A 268 -2.73 6.03 26.10
C ALA A 268 -3.42 6.18 24.76
N ILE A 269 -4.15 7.29 24.58
CA ILE A 269 -4.87 7.55 23.34
C ILE A 269 -4.10 8.57 22.54
N ILE A 270 -3.70 8.19 21.32
CA ILE A 270 -2.83 8.97 20.47
C ILE A 270 -3.54 9.55 19.26
N GLY A 271 -3.29 10.84 19.02
CA GLY A 271 -3.94 11.50 17.86
C GLY A 271 -3.00 12.56 17.36
N ARG A 272 -3.45 13.46 16.49
CA ARG A 272 -2.57 14.50 15.94
C ARG A 272 -1.91 15.39 16.95
N ASP A 273 -2.40 15.58 18.15
CA ASP A 273 -1.73 16.42 19.14
C ASP A 273 -0.99 15.62 20.20
N GLY A 274 -0.78 14.34 19.91
CA GLY A 274 -0.05 13.49 20.84
C GLY A 274 -1.00 12.76 21.75
N VAL A 275 -0.66 12.72 23.03
CA VAL A 275 -1.48 12.01 24.00
C VAL A 275 -2.75 12.79 24.26
N LEU A 276 -3.88 12.24 23.80
CA LEU A 276 -5.16 12.91 23.98
C LEU A 276 -5.86 12.44 25.24
N ALA A 277 -5.51 11.23 25.72
CA ALA A 277 -6.17 10.75 26.94
C ALA A 277 -5.41 9.60 27.55
N GLU A 278 -5.54 9.39 28.85
CA GLU A 278 -4.90 8.27 29.50
C GLU A 278 -5.89 7.12 29.61
N THR A 279 -5.42 5.89 29.75
CA THR A 279 -6.34 4.76 29.90
C THR A 279 -6.20 4.34 31.39
N THR A 280 -7.06 3.43 31.80
CA THR A 280 -7.04 2.93 33.16
C THR A 280 -7.10 1.41 33.14
N LEU A 281 -6.10 0.82 33.73
CA LEU A 281 -6.03 -0.65 33.79
C LEU A 281 -6.30 -1.13 35.20
N ASP A 282 -6.98 -2.27 35.29
CA ASP A 282 -7.21 -2.84 36.64
C ASP A 282 -6.11 -3.89 36.82
N LEU A 283 -4.97 -3.36 37.29
CA LEU A 283 -3.80 -4.22 37.49
C LEU A 283 -3.83 -4.92 38.84
N THR A 284 -3.29 -6.14 38.89
CA THR A 284 -3.27 -6.75 40.24
C THR A 284 -2.37 -5.87 41.08
N THR A 285 -2.36 -6.10 42.37
CA THR A 285 -1.55 -5.32 43.33
C THR A 285 -0.09 -5.54 43.02
N ASP A 286 0.20 -6.76 42.64
CA ASP A 286 1.50 -7.23 42.18
C ASP A 286 1.99 -6.39 41.01
N GLU A 287 1.07 -6.22 40.02
CA GLU A 287 1.41 -5.46 38.82
C GLU A 287 1.51 -3.99 39.14
N GLN A 288 0.67 -3.45 40.03
CA GLN A 288 0.83 -2.02 40.36
C GLN A 288 2.18 -1.80 41.03
N GLU A 289 2.52 -2.73 41.93
CA GLU A 289 3.77 -2.70 42.67
C GLU A 289 4.98 -2.58 41.74
N LYS A 290 5.01 -3.45 40.72
CA LYS A 290 6.07 -3.44 39.73
C LYS A 290 6.08 -2.13 38.94
N LEU A 291 4.89 -1.64 38.59
CA LEU A 291 4.77 -0.40 37.86
C LEU A 291 5.41 0.72 38.63
N LEU A 292 5.20 0.88 39.93
CA LEU A 292 5.87 2.00 40.63
C LEU A 292 7.36 1.77 40.79
N GLN A 293 7.81 0.51 40.76
CA GLN A 293 9.25 0.23 40.83
C GLN A 293 9.89 0.86 39.60
N SER A 294 9.31 0.60 38.40
CA SER A 294 9.83 1.16 37.16
C SER A 294 9.85 2.68 37.22
N ARG A 295 8.79 3.30 37.73
CA ARG A 295 8.66 4.74 37.89
C ARG A 295 9.81 5.32 38.70
N ASP A 296 10.09 4.64 39.82
CA ASP A 296 11.18 5.06 40.70
C ASP A 296 12.52 4.92 39.99
N TYR A 297 12.76 3.80 39.30
CA TYR A 297 14.01 3.66 38.55
C TYR A 297 14.24 4.79 37.57
N ILE A 298 13.24 5.03 36.69
CA ILE A 298 13.36 6.06 35.68
C ILE A 298 13.61 7.41 36.31
N GLN A 299 12.79 7.69 37.29
CA GLN A 299 12.83 8.95 38.02
C GLN A 299 14.20 9.27 38.57
N GLN A 300 14.86 8.34 39.21
CA GLN A 300 16.19 8.52 39.81
C GLN A 300 17.29 8.76 38.80
N ARG A 301 17.29 7.96 37.72
CA ARG A 301 18.29 8.10 36.66
C ARG A 301 18.07 9.47 36.02
N PHE A 302 16.78 9.80 35.78
CA PHE A 302 16.50 11.13 35.22
C PHE A 302 17.05 12.19 36.16
N ASP A 303 16.75 12.03 37.44
CA ASP A 303 17.21 12.99 38.43
C ASP A 303 18.72 13.19 38.36
N GLU A 304 19.46 12.09 38.36
CA GLU A 304 20.90 12.26 38.28
C GLU A 304 21.33 13.03 37.05
N ILE A 305 20.78 12.73 35.89
CA ILE A 305 21.25 13.41 34.66
C ILE A 305 20.64 14.71 34.30
N VAL A 306 19.45 15.12 34.67
CA VAL A 306 18.89 16.42 34.23
C VAL A 306 19.67 17.66 34.54
N ASP A 307 20.49 17.70 35.57
CA ASP A 307 21.27 18.91 35.92
C ASP A 307 22.48 19.13 35.02
N THR A 308 23.05 18.05 34.54
CA THR A 308 24.19 17.89 33.67
C THR A 308 24.00 18.49 32.30
N LEU A 309 22.78 18.49 31.76
CA LEU A 309 22.54 19.05 30.44
C LEU A 309 23.06 20.49 30.48
N ALA B 1 1.21 -17.17 -6.80
CA ALA B 1 0.46 -15.89 -7.06
C ALA B 1 -0.85 -15.92 -6.31
N ARG B 2 -1.51 -14.76 -6.22
CA ARG B 2 -2.80 -14.72 -5.46
C ARG B 2 -3.89 -14.64 -6.49
N LYS B 3 -4.98 -15.36 -6.37
CA LYS B 3 -6.06 -15.36 -7.32
C LYS B 3 -7.36 -15.33 -6.56
N ILE B 4 -8.19 -14.34 -6.85
CA ILE B 4 -9.48 -14.21 -6.16
C ILE B 4 -10.60 -14.25 -7.18
N GLY B 5 -11.66 -14.96 -6.81
CA GLY B 5 -12.83 -15.02 -7.70
C GLY B 5 -13.99 -14.31 -7.02
N ILE B 6 -14.77 -13.60 -7.80
CA ILE B 6 -15.91 -12.90 -7.22
C ILE B 6 -17.12 -13.33 -8.04
N ILE B 7 -18.12 -13.84 -7.33
CA ILE B 7 -19.39 -14.26 -7.96
C ILE B 7 -20.50 -13.23 -7.64
N GLY B 8 -20.87 -12.49 -8.66
CA GLY B 8 -21.90 -11.48 -8.50
C GLY B 8 -21.25 -10.11 -8.45
N LEU B 9 -21.13 -9.43 -9.58
CA LEU B 9 -20.51 -8.10 -9.58
C LEU B 9 -21.55 -6.97 -9.44
N GLY B 10 -22.26 -6.95 -8.31
CA GLY B 10 -23.23 -5.91 -8.05
C GLY B 10 -22.61 -4.80 -7.26
N ASN B 11 -23.30 -4.21 -6.31
CA ASN B 11 -22.79 -3.13 -5.49
C ASN B 11 -21.67 -3.63 -4.60
N VAL B 12 -21.94 -4.72 -3.88
CA VAL B 12 -20.93 -5.30 -2.99
C VAL B 12 -19.81 -5.93 -3.80
N GLY B 13 -20.13 -6.69 -4.82
CA GLY B 13 -19.14 -7.31 -5.67
C GLY B 13 -18.09 -6.38 -6.22
N ALA B 14 -18.49 -5.36 -6.96
CA ALA B 14 -17.62 -4.35 -7.54
C ALA B 14 -16.88 -3.58 -6.46
N ALA B 15 -17.46 -3.41 -5.26
CA ALA B 15 -16.78 -2.72 -4.16
C ALA B 15 -15.63 -3.59 -3.66
N VAL B 16 -15.86 -4.91 -3.56
CA VAL B 16 -14.83 -5.85 -3.13
C VAL B 16 -13.73 -5.78 -4.17
N ALA B 17 -14.09 -5.86 -5.46
CA ALA B 17 -13.10 -5.78 -6.53
C ALA B 17 -12.29 -4.48 -6.50
N HIS B 18 -12.95 -3.34 -6.22
CA HIS B 18 -12.20 -2.10 -6.22
C HIS B 18 -11.30 -2.01 -5.01
N GLY B 19 -11.71 -2.51 -3.87
CA GLY B 19 -10.88 -2.46 -2.67
C GLY B 19 -9.61 -3.28 -2.88
N LEU B 20 -9.69 -4.39 -3.58
CA LEU B 20 -8.54 -5.27 -3.83
C LEU B 20 -7.64 -4.68 -4.88
N ILE B 21 -8.22 -4.24 -5.99
CA ILE B 21 -7.44 -3.68 -7.10
C ILE B 21 -6.78 -2.37 -6.73
N ALA B 22 -7.43 -1.51 -5.94
CA ALA B 22 -6.83 -0.25 -5.52
C ALA B 22 -5.56 -0.51 -4.69
N GLN B 23 -5.57 -1.57 -3.89
CA GLN B 23 -4.43 -1.94 -3.07
C GLN B 23 -3.46 -2.88 -3.80
N GLY B 24 -3.95 -3.53 -4.88
CA GLY B 24 -3.08 -4.43 -5.64
C GLY B 24 -2.89 -5.71 -4.85
N VAL B 25 -3.95 -6.11 -4.13
CA VAL B 25 -3.91 -7.27 -3.29
C VAL B 25 -3.67 -8.52 -4.09
N ALA B 26 -4.37 -8.84 -5.16
CA ALA B 26 -4.16 -10.07 -5.91
C ALA B 26 -3.57 -9.84 -7.27
N ASP B 27 -3.14 -10.95 -7.88
CA ASP B 27 -2.51 -10.90 -9.20
C ASP B 27 -3.50 -11.20 -10.27
N ASP B 28 -4.40 -12.17 -10.00
CA ASP B 28 -5.42 -12.58 -10.95
C ASP B 28 -6.81 -12.51 -10.34
N TYR B 29 -7.78 -12.09 -11.15
CA TYR B 29 -9.16 -11.95 -10.70
C TYR B 29 -10.06 -12.65 -11.71
N VAL B 30 -11.06 -13.32 -11.20
CA VAL B 30 -12.08 -13.99 -12.00
C VAL B 30 -13.42 -13.35 -11.63
N PHE B 31 -14.03 -12.65 -12.59
CA PHE B 31 -15.33 -12.00 -12.30
C PHE B 31 -16.43 -12.85 -12.93
N ILE B 32 -17.37 -13.32 -12.10
CA ILE B 32 -18.50 -14.12 -12.61
C ILE B 32 -19.84 -13.47 -12.23
N ASP B 33 -20.65 -13.22 -13.25
CA ASP B 33 -21.96 -12.62 -13.06
C ASP B 33 -22.95 -13.07 -14.13
N ALA B 34 -24.18 -13.37 -13.70
CA ALA B 34 -25.24 -13.77 -14.63
C ALA B 34 -25.49 -12.66 -15.64
N ASN B 35 -25.56 -11.42 -15.22
CA ASN B 35 -25.73 -10.32 -16.16
C ASN B 35 -24.39 -10.09 -16.83
N GLU B 36 -24.21 -10.66 -18.01
CA GLU B 36 -22.95 -10.55 -18.71
C GLU B 36 -22.52 -9.15 -19.08
N ALA B 37 -23.41 -8.25 -19.44
CA ALA B 37 -23.02 -6.90 -19.85
C ALA B 37 -22.52 -6.05 -18.68
N LYS B 38 -22.99 -6.34 -17.48
CA LYS B 38 -22.55 -5.59 -16.31
C LYS B 38 -21.15 -6.07 -15.94
N VAL B 39 -20.91 -7.40 -16.01
CA VAL B 39 -19.55 -7.91 -15.66
C VAL B 39 -18.54 -7.47 -16.69
N LYS B 40 -18.87 -7.54 -17.98
CA LYS B 40 -17.98 -7.12 -19.05
C LYS B 40 -17.67 -5.64 -18.94
N ALA B 41 -18.56 -4.78 -18.48
CA ALA B 41 -18.41 -3.36 -18.29
C ALA B 41 -17.41 -3.07 -17.17
N ASP B 42 -17.54 -3.72 -16.04
CA ASP B 42 -16.60 -3.52 -14.91
C ASP B 42 -15.23 -4.01 -15.29
N GLN B 43 -15.14 -5.11 -16.03
CA GLN B 43 -13.85 -5.63 -16.45
C GLN B 43 -13.08 -4.57 -17.20
N ILE B 44 -13.69 -4.04 -18.27
CA ILE B 44 -13.05 -3.01 -19.08
C ILE B 44 -12.81 -1.74 -18.31
N ASP B 45 -13.72 -1.42 -17.40
CA ASP B 45 -13.55 -0.19 -16.58
C ASP B 45 -12.33 -0.30 -15.71
N PHE B 46 -12.09 -1.47 -15.12
CA PHE B 46 -10.90 -1.69 -14.29
C PHE B 46 -9.65 -1.81 -15.15
N GLN B 47 -9.74 -2.35 -16.36
CA GLN B 47 -8.62 -2.41 -17.27
C GLN B 47 -8.22 -1.04 -17.77
N ASP B 48 -9.18 -0.10 -17.78
CA ASP B 48 -8.93 1.30 -18.19
C ASP B 48 -8.22 2.00 -17.05
N ALA B 49 -8.44 1.55 -15.84
CA ALA B 49 -7.80 2.09 -14.66
C ALA B 49 -6.35 1.66 -14.56
N MET B 50 -6.07 0.42 -15.04
CA MET B 50 -4.74 -0.17 -14.96
C MET B 50 -3.61 0.72 -15.38
N ALA B 51 -3.64 1.47 -16.47
CA ALA B 51 -2.46 2.31 -16.75
C ALA B 51 -2.18 3.36 -15.72
N ASN B 52 -3.09 3.73 -14.85
CA ASN B 52 -2.89 4.77 -13.83
C ASN B 52 -2.89 4.24 -12.40
N LEU B 53 -2.85 2.90 -12.27
CA LEU B 53 -2.77 2.24 -10.98
C LEU B 53 -1.29 1.92 -10.69
N GLU B 54 -0.93 1.73 -9.42
CA GLU B 54 0.43 1.42 -9.06
C GLU B 54 0.79 -0.07 -9.23
N ALA B 55 -0.12 -0.98 -9.01
CA ALA B 55 0.04 -2.38 -9.14
C ALA B 55 -0.77 -2.95 -10.28
N HIS B 56 -0.35 -4.09 -10.79
CA HIS B 56 -1.04 -4.75 -11.88
C HIS B 56 -1.94 -5.88 -11.41
N GLY B 57 -3.00 -6.18 -12.14
CA GLY B 57 -3.93 -7.24 -11.79
C GLY B 57 -4.49 -7.76 -13.11
N ASN B 58 -4.78 -9.04 -13.23
CA ASN B 58 -5.35 -9.58 -14.48
C ASN B 58 -6.81 -9.93 -14.21
N ILE B 59 -7.69 -9.62 -15.18
CA ILE B 59 -9.12 -9.89 -14.97
C ILE B 59 -9.72 -10.74 -16.06
N VAL B 60 -10.37 -11.85 -15.73
CA VAL B 60 -11.06 -12.67 -16.73
C VAL B 60 -12.50 -12.78 -16.24
N ILE B 61 -13.44 -12.85 -17.18
CA ILE B 61 -14.83 -12.93 -16.71
C ILE B 61 -15.51 -14.22 -17.14
N ASN B 62 -16.49 -14.60 -16.33
CA ASN B 62 -17.33 -15.77 -16.54
C ASN B 62 -16.65 -17.02 -17.08
N ASP B 63 -15.57 -17.45 -16.47
CA ASP B 63 -14.78 -18.60 -16.76
C ASP B 63 -14.71 -19.40 -15.47
N TRP B 64 -15.61 -20.36 -15.29
CA TRP B 64 -15.61 -21.15 -14.05
C TRP B 64 -14.33 -21.95 -13.94
N ALA B 65 -13.75 -22.45 -15.04
CA ALA B 65 -12.52 -23.24 -14.99
C ALA B 65 -11.36 -22.46 -14.42
N ALA B 66 -11.34 -21.15 -14.60
CA ALA B 66 -10.30 -20.30 -14.07
C ALA B 66 -10.33 -20.29 -12.56
N LEU B 67 -11.36 -20.75 -11.90
CA LEU B 67 -11.45 -20.82 -10.45
C LEU B 67 -10.75 -22.02 -9.83
N ALA B 68 -10.28 -22.93 -10.66
CA ALA B 68 -9.61 -24.15 -10.23
C ALA B 68 -8.53 -23.87 -9.21
N ASP B 69 -7.66 -22.90 -9.48
CA ASP B 69 -6.60 -22.56 -8.53
C ASP B 69 -6.79 -21.21 -7.87
N ALA B 70 -8.05 -20.82 -7.62
CA ALA B 70 -8.26 -19.54 -6.90
C ALA B 70 -8.01 -19.82 -5.43
N ASP B 71 -7.42 -18.90 -4.74
CA ASP B 71 -7.16 -18.99 -3.31
C ASP B 71 -8.43 -18.86 -2.50
N VAL B 72 -9.23 -17.85 -2.82
CA VAL B 72 -10.47 -17.53 -2.16
C VAL B 72 -11.49 -17.23 -3.23
N VAL B 73 -12.74 -17.57 -2.98
CA VAL B 73 -13.85 -17.23 -3.90
C VAL B 73 -14.87 -16.52 -3.01
N ILE B 74 -15.29 -15.32 -3.43
CA ILE B 74 -16.27 -14.55 -2.60
C ILE B 74 -17.61 -14.52 -3.33
N SER B 75 -18.67 -14.91 -2.64
CA SER B 75 -20.00 -14.93 -3.25
C SER B 75 -20.78 -13.69 -2.79
N THR B 76 -21.11 -12.82 -3.75
CA THR B 76 -21.85 -11.58 -3.49
C THR B 76 -23.06 -11.47 -4.42
N LEU B 77 -23.61 -12.61 -4.81
CA LEU B 77 -24.77 -12.66 -5.70
C LEU B 77 -26.04 -12.39 -4.88
N GLY B 78 -27.08 -11.95 -5.56
CA GLY B 78 -28.36 -11.64 -4.96
C GLY B 78 -29.11 -10.57 -5.74
N ASN B 79 -30.08 -9.99 -5.02
CA ASN B 79 -30.90 -8.93 -5.66
C ASN B 79 -31.31 -7.92 -4.63
N ILE B 80 -30.53 -6.83 -4.58
CA ILE B 80 -30.78 -5.77 -3.58
C ILE B 80 -32.14 -5.11 -3.77
N LYS B 81 -32.65 -5.10 -5.00
CA LYS B 81 -33.97 -4.59 -5.29
C LYS B 81 -35.00 -5.27 -4.40
N LEU B 82 -34.86 -6.58 -4.12
CA LEU B 82 -35.79 -7.24 -3.22
C LEU B 82 -35.64 -6.71 -1.80
N GLN B 83 -34.49 -6.16 -1.42
CA GLN B 83 -34.37 -5.61 -0.07
C GLN B 83 -34.87 -4.18 0.03
N GLN B 84 -35.47 -3.62 -1.01
CA GLN B 84 -36.00 -2.26 -1.00
C GLN B 84 -37.28 -2.11 -1.85
N PHE B 92 -35.17 -10.43 4.99
CA PHE B 92 -35.18 -11.83 4.64
C PHE B 92 -35.73 -12.12 3.25
N ALA B 93 -36.13 -11.04 2.60
CA ALA B 93 -36.71 -10.93 1.30
C ALA B 93 -36.04 -11.66 0.16
N GLU B 94 -34.71 -11.59 0.11
CA GLU B 94 -33.92 -12.25 -0.92
C GLU B 94 -33.81 -13.74 -0.73
N LEU B 95 -34.11 -14.29 0.43
CA LEU B 95 -33.97 -15.73 0.68
C LEU B 95 -34.52 -16.60 -0.43
N LYS B 96 -35.71 -16.32 -0.94
CA LYS B 96 -36.28 -17.11 -2.05
C LYS B 96 -35.36 -17.04 -3.27
N PHE B 97 -35.03 -15.85 -3.74
CA PHE B 97 -34.16 -15.63 -4.87
C PHE B 97 -32.76 -16.22 -4.68
N THR B 98 -32.07 -15.79 -3.60
CA THR B 98 -30.70 -16.26 -3.33
C THR B 98 -30.72 -17.77 -3.14
N SER B 99 -31.71 -18.44 -2.58
CA SER B 99 -31.71 -19.90 -2.50
C SER B 99 -31.77 -20.61 -3.83
N SER B 100 -32.41 -20.01 -4.84
CA SER B 100 -32.51 -20.58 -6.16
C SER B 100 -31.14 -20.74 -6.82
N MET B 101 -30.35 -19.69 -6.67
CA MET B 101 -29.03 -19.58 -7.24
C MET B 101 -27.98 -20.50 -6.69
N VAL B 102 -28.06 -20.76 -5.39
CA VAL B 102 -27.12 -21.60 -4.69
C VAL B 102 -26.99 -22.96 -5.35
N GLN B 103 -28.01 -23.68 -5.77
CA GLN B 103 -27.78 -24.99 -6.38
C GLN B 103 -26.87 -24.93 -7.62
N SER B 104 -27.17 -24.15 -8.61
CA SER B 104 -26.36 -24.10 -9.82
C SER B 104 -25.00 -23.51 -9.59
N VAL B 105 -24.93 -22.39 -8.87
CA VAL B 105 -23.66 -21.72 -8.59
C VAL B 105 -22.80 -22.68 -7.81
N GLY B 106 -23.34 -23.35 -6.80
CA GLY B 106 -22.63 -24.32 -5.98
C GLY B 106 -22.10 -25.50 -6.76
N THR B 107 -22.92 -26.03 -7.65
CA THR B 107 -22.53 -27.15 -8.49
C THR B 107 -21.42 -26.77 -9.42
N ASN B 108 -21.51 -25.67 -10.13
CA ASN B 108 -20.50 -25.18 -11.04
C ASN B 108 -19.15 -24.97 -10.37
N LEU B 109 -19.23 -24.44 -9.17
CA LEU B 109 -18.14 -24.11 -8.30
C LEU B 109 -17.46 -25.42 -7.93
N LYS B 110 -18.31 -26.35 -7.45
CA LYS B 110 -17.82 -27.68 -7.10
C LYS B 110 -17.11 -28.34 -8.29
N GLU B 111 -17.61 -28.30 -9.49
CA GLU B 111 -17.04 -28.88 -10.68
C GLU B 111 -15.88 -28.12 -11.30
N SER B 112 -15.58 -26.91 -10.92
CA SER B 112 -14.46 -26.13 -11.47
C SER B 112 -13.11 -26.67 -11.08
N GLY B 113 -13.07 -27.32 -9.93
CA GLY B 113 -11.93 -27.91 -9.28
C GLY B 113 -11.45 -27.05 -8.12
N PHE B 114 -12.15 -25.94 -7.91
CA PHE B 114 -11.80 -25.00 -6.85
C PHE B 114 -11.68 -25.70 -5.53
N HIS B 115 -10.68 -25.38 -4.72
CA HIS B 115 -10.59 -26.07 -3.44
C HIS B 115 -9.97 -25.14 -2.41
N GLY B 116 -10.31 -23.86 -2.49
CA GLY B 116 -9.80 -22.86 -1.55
C GLY B 116 -10.87 -22.59 -0.51
N VAL B 117 -10.90 -21.37 0.02
CA VAL B 117 -11.93 -20.99 0.98
C VAL B 117 -13.03 -20.21 0.28
N LEU B 118 -14.28 -20.52 0.62
CA LEU B 118 -15.43 -19.79 0.05
C LEU B 118 -15.97 -18.80 1.09
N VAL B 119 -16.01 -17.51 0.72
CA VAL B 119 -16.53 -16.50 1.64
C VAL B 119 -17.88 -16.05 1.11
N VAL B 120 -18.92 -16.22 1.93
CA VAL B 120 -20.29 -15.86 1.54
C VAL B 120 -20.74 -14.55 2.16
N ILE B 121 -21.26 -13.68 1.29
CA ILE B 121 -21.80 -12.38 1.71
C ILE B 121 -23.32 -12.37 1.51
N SER B 122 -23.79 -12.96 0.42
CA SER B 122 -25.18 -13.09 0.07
C SER B 122 -26.13 -13.27 1.22
N ASN B 123 -27.13 -12.44 1.38
CA ASN B 123 -28.10 -12.59 2.49
C ASN B 123 -29.27 -13.49 2.17
N PRO B 124 -29.87 -14.15 3.19
CA PRO B 124 -29.42 -14.13 4.58
C PRO B 124 -28.14 -14.95 4.75
N VAL B 125 -27.03 -14.25 4.97
CA VAL B 125 -25.71 -14.81 5.10
C VAL B 125 -25.64 -16.08 5.90
N ASP B 126 -26.11 -16.28 7.12
CA ASP B 126 -25.90 -17.60 7.74
C ASP B 126 -26.54 -18.76 7.02
N VAL B 127 -27.79 -18.64 6.59
CA VAL B 127 -28.49 -19.71 5.88
C VAL B 127 -27.91 -19.95 4.52
N ILE B 128 -27.49 -18.90 3.80
CA ILE B 128 -26.93 -19.16 2.47
C ILE B 128 -25.58 -19.79 2.62
N THR B 129 -24.88 -19.47 3.72
CA THR B 129 -23.56 -20.10 3.93
C THR B 129 -23.81 -21.59 4.12
N ALA B 130 -24.76 -21.96 4.96
CA ALA B 130 -25.12 -23.37 5.18
C ALA B 130 -25.56 -24.09 3.92
N LEU B 131 -26.36 -23.44 3.06
CA LEU B 131 -26.75 -24.11 1.83
C LEU B 131 -25.55 -24.26 0.92
N PHE B 132 -24.66 -23.27 0.87
CA PHE B 132 -23.51 -23.39 0.00
C PHE B 132 -22.61 -24.58 0.41
N GLN B 133 -22.39 -24.75 1.69
CA GLN B 133 -21.58 -25.82 2.24
C GLN B 133 -22.23 -27.16 1.92
N HIS B 134 -23.54 -27.18 2.16
CA HIS B 134 -24.42 -28.29 1.91
C HIS B 134 -24.48 -28.63 0.43
N VAL B 135 -24.55 -27.74 -0.53
CA VAL B 135 -24.62 -28.09 -1.93
C VAL B 135 -23.29 -28.45 -2.56
N THR B 136 -22.19 -27.82 -2.19
CA THR B 136 -20.89 -28.09 -2.78
C THR B 136 -20.24 -29.34 -2.22
N GLY B 137 -20.56 -29.59 -0.94
CA GLY B 137 -20.00 -30.69 -0.21
C GLY B 137 -18.63 -30.37 0.34
N PHE B 138 -18.21 -29.12 0.24
CA PHE B 138 -16.94 -28.63 0.73
C PHE B 138 -16.97 -28.78 2.24
N PRO B 139 -15.86 -29.06 2.86
CA PRO B 139 -15.80 -29.20 4.31
C PRO B 139 -16.32 -27.92 4.92
N ALA B 140 -17.07 -28.01 6.01
CA ALA B 140 -17.63 -26.85 6.67
C ALA B 140 -16.60 -25.79 7.01
N HIS B 141 -15.35 -26.15 7.35
CA HIS B 141 -14.33 -25.17 7.70
C HIS B 141 -13.80 -24.38 6.50
N LYS B 142 -14.06 -24.80 5.30
CA LYS B 142 -13.62 -24.14 4.08
C LYS B 142 -14.75 -23.30 3.46
N VAL B 143 -15.88 -23.22 4.14
CA VAL B 143 -17.05 -22.46 3.70
C VAL B 143 -17.50 -21.62 4.87
N ILE B 144 -17.25 -20.29 4.82
CA ILE B 144 -17.60 -19.38 5.90
C ILE B 144 -18.30 -18.13 5.35
N GLY B 145 -18.98 -17.41 6.23
CA GLY B 145 -19.67 -16.18 5.77
C GLY B 145 -19.21 -14.98 6.57
N THR B 146 -19.42 -13.77 6.04
CA THR B 146 -19.02 -12.58 6.79
C THR B 146 -19.75 -12.46 8.10
N GLY B 147 -21.02 -12.89 8.18
CA GLY B 147 -21.79 -12.91 9.39
C GLY B 147 -21.82 -11.62 10.13
N THR B 148 -21.52 -11.63 11.43
CA THR B 148 -21.57 -10.41 12.21
C THR B 148 -20.24 -9.68 12.30
N LEU B 149 -19.40 -9.85 11.29
CA LEU B 149 -18.12 -9.12 11.24
C LEU B 149 -18.49 -7.68 10.91
N LEU B 150 -19.47 -7.52 10.02
CA LEU B 150 -19.97 -6.20 9.64
C LEU B 150 -20.70 -5.54 10.81
N ASP B 151 -21.54 -6.31 11.48
CA ASP B 151 -22.24 -5.84 12.69
C ASP B 151 -21.29 -5.50 13.80
N THR B 152 -20.19 -6.26 13.96
CA THR B 152 -19.23 -5.90 15.04
C THR B 152 -18.61 -4.55 14.71
N ALA B 153 -18.33 -4.31 13.42
CA ALA B 153 -17.70 -3.10 12.92
C ALA B 153 -18.59 -1.89 13.17
N ARG B 154 -19.91 -2.06 13.12
CA ARG B 154 -20.89 -0.99 13.38
C ARG B 154 -20.96 -0.67 14.86
N MET B 155 -20.87 -1.68 15.70
CA MET B 155 -20.79 -1.57 17.13
C MET B 155 -19.52 -0.79 17.48
N GLN B 156 -18.40 -1.14 16.84
CA GLN B 156 -17.11 -0.46 17.09
C GLN B 156 -17.18 0.98 16.62
N ARG B 157 -17.90 1.27 15.53
CA ARG B 157 -18.11 2.63 15.07
C ARG B 157 -18.92 3.44 16.08
N ALA B 158 -20.07 2.86 16.49
CA ALA B 158 -20.91 3.54 17.49
C ALA B 158 -20.18 3.82 18.77
N VAL B 159 -19.57 2.80 19.36
CA VAL B 159 -18.80 2.93 20.59
C VAL B 159 -17.63 3.88 20.40
N GLY B 160 -16.93 3.78 19.27
CA GLY B 160 -15.80 4.66 18.97
C GLY B 160 -16.30 6.07 18.94
N GLU B 161 -17.41 6.32 18.25
CA GLU B 161 -17.97 7.68 18.18
C GLU B 161 -18.32 8.21 19.55
N ALA B 162 -18.92 7.38 20.40
CA ALA B 162 -19.30 7.80 21.73
C ALA B 162 -18.11 8.12 22.61
N PHE B 163 -16.98 7.35 22.51
CA PHE B 163 -15.83 7.65 23.37
C PHE B 163 -14.73 8.42 22.65
N ASP B 164 -15.00 8.79 21.40
CA ASP B 164 -14.02 9.54 20.60
C ASP B 164 -12.70 8.78 20.48
N LEU B 165 -12.84 7.50 20.14
CA LEU B 165 -11.78 6.58 19.97
C LEU B 165 -11.75 6.00 18.53
N ASP B 166 -10.60 5.44 18.22
CA ASP B 166 -10.44 4.75 16.92
C ASP B 166 -11.32 3.53 17.06
N PRO B 167 -12.16 3.19 16.10
CA PRO B 167 -13.02 2.01 16.18
C PRO B 167 -12.20 0.74 16.34
N ARG B 168 -10.98 0.71 15.83
CA ARG B 168 -10.09 -0.42 15.94
C ARG B 168 -9.64 -0.63 17.37
N SER B 169 -9.72 0.34 18.25
CA SER B 169 -9.34 0.21 19.63
C SER B 169 -10.49 -0.26 20.55
N VAL B 170 -11.60 -0.63 19.96
CA VAL B 170 -12.75 -1.12 20.68
C VAL B 170 -12.80 -2.63 20.48
N SER B 171 -12.72 -3.36 21.58
CA SER B 171 -12.77 -4.83 21.45
C SER B 171 -14.14 -5.36 21.83
N GLY B 172 -14.43 -6.58 21.43
CA GLY B 172 -15.72 -7.22 21.69
C GLY B 172 -16.31 -7.65 20.36
N TYR B 173 -17.41 -8.42 20.46
CA TYR B 173 -18.11 -8.96 19.32
C TYR B 173 -19.64 -8.87 19.43
N ASN B 174 -20.30 -8.96 18.32
CA ASN B 174 -21.71 -9.05 18.08
C ASN B 174 -21.89 -10.51 17.61
N LEU B 175 -22.75 -11.26 18.23
CA LEU B 175 -22.89 -12.68 17.84
C LEU B 175 -24.26 -12.98 17.27
N GLY B 176 -24.49 -14.20 16.84
CA GLY B 176 -25.72 -14.66 16.34
C GLY B 176 -25.96 -14.63 14.85
N GLU B 177 -27.21 -14.27 14.52
CA GLU B 177 -27.63 -14.22 13.14
C GLU B 177 -27.62 -12.82 12.58
N HIS B 178 -26.89 -12.59 11.50
CA HIS B 178 -26.85 -11.27 10.88
C HIS B 178 -28.25 -10.91 10.36
N GLY B 179 -28.62 -9.67 10.60
CA GLY B 179 -29.90 -9.10 10.17
C GLY B 179 -31.14 -9.68 10.82
N ASN B 180 -31.08 -10.02 12.10
CA ASN B 180 -32.24 -10.59 12.78
C ASN B 180 -31.94 -10.77 14.24
N SER B 181 -31.60 -11.95 14.69
CA SER B 181 -31.29 -12.16 16.11
C SER B 181 -29.89 -11.80 16.57
N GLN B 182 -29.04 -11.20 15.77
CA GLN B 182 -27.68 -10.82 16.18
C GLN B 182 -27.72 -9.85 17.36
N PHE B 183 -26.81 -9.92 18.28
CA PHE B 183 -26.78 -9.05 19.43
C PHE B 183 -25.37 -8.70 19.79
N VAL B 184 -25.15 -7.72 20.62
CA VAL B 184 -23.88 -7.28 21.11
C VAL B 184 -23.59 -8.00 22.41
N ALA B 185 -22.54 -8.79 22.45
CA ALA B 185 -22.15 -9.48 23.70
C ALA B 185 -21.41 -8.44 24.51
N TRP B 186 -22.09 -7.55 25.24
CA TRP B 186 -21.54 -6.44 25.99
C TRP B 186 -20.53 -6.82 27.03
N SER B 187 -20.46 -8.08 27.41
CA SER B 187 -19.48 -8.59 28.36
C SER B 187 -18.11 -8.69 27.69
N THR B 188 -18.03 -8.86 26.36
CA THR B 188 -16.80 -8.95 25.63
C THR B 188 -16.22 -7.61 25.20
N VAL B 189 -17.00 -6.55 25.24
CA VAL B 189 -16.63 -5.21 24.82
C VAL B 189 -15.88 -4.45 25.89
N ARG B 190 -14.74 -3.87 25.49
CA ARG B 190 -14.00 -3.05 26.49
C ARG B 190 -13.36 -1.88 25.75
N VAL B 191 -13.20 -0.77 26.43
CA VAL B 191 -12.65 0.42 25.88
C VAL B 191 -11.81 1.12 26.96
N MET B 192 -10.64 1.55 26.52
CA MET B 192 -9.69 2.25 27.37
C MET B 192 -9.33 1.54 28.67
N GLY B 193 -9.08 0.25 28.56
CA GLY B 193 -8.70 -0.66 29.54
C GLY B 193 -9.74 -1.20 30.48
N GLN B 194 -10.97 -0.76 30.36
CA GLN B 194 -12.09 -1.07 31.18
C GLN B 194 -13.23 -1.73 30.41
N PRO B 195 -13.99 -2.53 31.12
CA PRO B 195 -15.17 -3.17 30.56
C PRO B 195 -16.21 -2.08 30.28
N ILE B 196 -16.79 -2.14 29.08
CA ILE B 196 -17.79 -1.13 28.70
C ILE B 196 -18.91 -1.15 29.71
N VAL B 197 -19.44 -2.26 30.19
CA VAL B 197 -20.51 -2.30 31.15
C VAL B 197 -20.15 -1.84 32.55
N THR B 198 -19.00 -1.30 32.80
CA THR B 198 -18.49 -0.77 34.04
C THR B 198 -18.39 0.74 33.90
N LEU B 199 -18.52 1.19 32.64
CA LEU B 199 -18.46 2.63 32.39
C LEU B 199 -19.87 3.17 32.18
N ILE B 205 -23.05 6.40 30.37
CA ILE B 205 -23.38 6.16 28.97
C ILE B 205 -24.55 5.21 28.78
N ASP B 206 -25.36 5.42 27.75
CA ASP B 206 -26.49 4.48 27.54
C ASP B 206 -26.09 3.44 26.51
N LEU B 207 -25.88 2.17 26.90
CA LEU B 207 -25.50 1.18 25.91
C LEU B 207 -26.62 0.86 24.92
N ALA B 208 -27.88 1.08 25.32
CA ALA B 208 -29.01 0.80 24.40
C ALA B 208 -29.02 1.83 23.28
N ALA B 209 -28.69 3.08 23.59
CA ALA B 209 -28.59 4.10 22.53
C ALA B 209 -27.52 3.65 21.51
N ILE B 210 -26.36 3.26 22.01
CA ILE B 210 -25.22 2.77 21.25
C ILE B 210 -25.65 1.51 20.52
N GLU B 211 -26.34 0.61 21.27
CA GLU B 211 -26.82 -0.62 20.69
C GLU B 211 -27.70 -0.33 19.49
N GLU B 212 -28.59 0.65 19.64
CA GLU B 212 -29.52 0.98 18.57
C GLU B 212 -28.87 1.60 17.36
N GLU B 213 -27.89 2.46 17.62
CA GLU B 213 -27.13 3.09 16.53
C GLU B 213 -26.52 1.97 15.68
N ALA B 214 -25.88 1.06 16.39
CA ALA B 214 -25.21 -0.09 15.77
C ALA B 214 -26.20 -0.99 15.04
N ARG B 215 -27.33 -1.29 15.65
CA ARG B 215 -28.35 -2.15 15.03
C ARG B 215 -29.08 -1.51 13.86
N LYS B 216 -29.47 -0.24 14.03
CA LYS B 216 -30.20 0.43 12.96
C LYS B 216 -29.27 1.01 11.92
N GLY B 217 -28.01 1.20 12.20
CA GLY B 217 -27.05 1.76 11.29
C GLY B 217 -27.05 1.19 9.88
N GLY B 218 -27.41 -0.06 9.62
CA GLY B 218 -27.51 -0.59 8.28
C GLY B 218 -28.74 -0.05 7.55
N PHE B 219 -29.85 0.26 8.25
CA PHE B 219 -31.05 0.82 7.65
C PHE B 219 -30.80 2.21 7.12
N THR B 220 -30.16 3.02 7.95
CA THR B 220 -29.81 4.39 7.57
C THR B 220 -29.04 4.46 6.28
N VAL B 221 -28.02 3.59 6.14
CA VAL B 221 -27.17 3.49 4.99
C VAL B 221 -28.01 3.02 3.82
N LEU B 222 -28.81 1.99 4.09
CA LEU B 222 -29.66 1.43 3.03
C LEU B 222 -30.74 2.41 2.60
N ASN B 223 -31.31 3.14 3.56
CA ASN B 223 -32.32 4.13 3.22
C ASN B 223 -31.67 5.31 2.56
N GLY B 224 -30.45 5.69 2.92
CA GLY B 224 -29.78 6.83 2.31
C GLY B 224 -29.35 6.64 0.89
N LYS B 225 -28.94 5.42 0.48
CA LYS B 225 -28.47 5.30 -0.93
C LYS B 225 -29.01 4.08 -1.63
N GLY B 226 -29.73 3.22 -0.93
CA GLY B 226 -30.34 2.06 -1.57
C GLY B 226 -29.65 0.74 -1.45
N TYR B 227 -28.51 0.69 -0.79
CA TYR B 227 -27.73 -0.52 -0.61
C TYR B 227 -26.61 -0.16 0.34
N THR B 228 -25.83 -1.15 0.77
CA THR B 228 -24.69 -0.93 1.64
C THR B 228 -23.52 -1.59 0.89
N SER B 229 -22.32 -1.04 1.03
CA SER B 229 -21.24 -1.67 0.29
C SER B 229 -19.89 -1.55 0.92
N TYR B 230 -19.34 -0.41 1.24
CA TYR B 230 -17.98 -0.37 1.79
C TYR B 230 -17.77 -1.16 3.06
N GLY B 231 -18.67 -1.16 3.99
CA GLY B 231 -18.59 -1.87 5.24
C GLY B 231 -18.41 -3.37 5.06
N VAL B 232 -19.34 -4.01 4.36
CA VAL B 232 -19.32 -5.42 4.12
C VAL B 232 -18.25 -5.80 3.15
N ALA B 233 -17.93 -4.95 2.16
CA ALA B 233 -16.89 -5.27 1.20
C ALA B 233 -15.53 -5.36 1.91
N THR B 234 -15.31 -4.52 2.89
CA THR B 234 -14.06 -4.46 3.64
C THR B 234 -13.97 -5.62 4.62
N SER B 235 -15.07 -6.09 5.16
CA SER B 235 -15.09 -7.23 6.05
C SER B 235 -14.69 -8.46 5.23
N ALA B 236 -15.22 -8.65 4.01
CA ALA B 236 -14.90 -9.77 3.15
C ALA B 236 -13.40 -9.75 2.81
N ILE B 237 -12.84 -8.60 2.52
CA ILE B 237 -11.45 -8.40 2.19
C ILE B 237 -10.55 -8.72 3.37
N ARG B 238 -10.93 -8.44 4.57
CA ARG B 238 -10.12 -8.73 5.74
C ARG B 238 -10.00 -10.24 5.89
N ILE B 239 -11.10 -10.95 5.69
CA ILE B 239 -11.11 -12.42 5.77
C ILE B 239 -10.22 -12.99 4.71
N ALA B 240 -10.41 -12.57 3.45
CA ALA B 240 -9.66 -13.02 2.30
C ALA B 240 -8.18 -12.87 2.55
N LYS B 241 -7.72 -11.80 3.12
CA LYS B 241 -6.32 -11.59 3.43
C LYS B 241 -5.77 -12.53 4.49
N ALA B 242 -6.58 -12.92 5.46
CA ALA B 242 -6.17 -13.82 6.52
C ALA B 242 -5.99 -15.22 5.95
N VAL B 243 -6.79 -15.60 4.98
CA VAL B 243 -6.77 -16.87 4.28
C VAL B 243 -5.49 -16.95 3.46
N MET B 244 -5.30 -16.09 2.47
CA MET B 244 -4.12 -16.13 1.63
C MET B 244 -2.82 -16.05 2.38
N ALA B 245 -2.73 -15.36 3.47
CA ALA B 245 -1.51 -15.16 4.24
C ALA B 245 -1.37 -16.17 5.37
N ASP B 246 -2.41 -17.00 5.49
CA ASP B 246 -2.49 -18.03 6.51
C ASP B 246 -2.16 -17.42 7.86
N ALA B 247 -2.89 -16.34 8.24
CA ALA B 247 -2.59 -15.63 9.47
C ALA B 247 -2.98 -16.28 10.73
N HIS B 248 -3.97 -17.15 10.79
CA HIS B 248 -4.38 -17.74 12.07
C HIS B 248 -4.92 -16.59 12.91
N ALA B 249 -5.70 -15.75 12.24
CA ALA B 249 -6.23 -14.55 12.88
C ALA B 249 -7.57 -14.84 13.52
N GLU B 250 -7.83 -14.27 14.68
CA GLU B 250 -9.13 -14.45 15.31
C GLU B 250 -10.13 -13.50 14.70
N LEU B 251 -11.11 -13.96 13.96
CA LEU B 251 -12.12 -13.09 13.33
C LEU B 251 -13.52 -13.60 13.61
N VAL B 252 -14.49 -12.71 13.82
CA VAL B 252 -15.86 -13.23 14.04
C VAL B 252 -16.47 -13.41 12.67
N VAL B 253 -16.79 -14.64 12.31
CA VAL B 253 -17.36 -14.98 11.02
C VAL B 253 -18.46 -16.04 11.23
N SER B 254 -19.22 -16.32 10.21
CA SER B 254 -20.26 -17.32 10.27
C SER B 254 -19.60 -18.67 9.99
N ASN B 255 -19.43 -19.45 11.04
CA ASN B 255 -18.79 -20.77 10.90
C ASN B 255 -19.64 -21.83 11.57
N ARG B 256 -19.45 -23.12 11.24
CA ARG B 256 -20.27 -24.15 11.89
C ARG B 256 -19.54 -24.82 13.04
N ARG B 257 -19.78 -24.36 14.26
CA ARG B 257 -19.15 -24.92 15.44
C ARG B 257 -19.86 -26.24 15.78
N ASP B 258 -19.08 -27.14 16.39
CA ASP B 258 -19.67 -28.47 16.74
C ASP B 258 -20.71 -28.27 17.78
N ASP B 259 -20.51 -27.58 18.88
CA ASP B 259 -21.57 -27.35 19.87
C ASP B 259 -22.83 -26.71 19.36
N MET B 260 -22.86 -26.06 18.23
CA MET B 260 -24.04 -25.45 17.68
C MET B 260 -24.59 -26.31 16.57
N GLY B 261 -23.75 -27.01 15.80
CA GLY B 261 -24.22 -27.84 14.70
C GLY B 261 -24.94 -27.12 13.59
N MET B 262 -24.79 -25.83 13.45
CA MET B 262 -25.39 -24.93 12.50
C MET B 262 -24.58 -23.64 12.42
N TYR B 263 -24.44 -23.14 11.21
CA TYR B 263 -23.70 -21.88 11.02
C TYR B 263 -24.27 -20.72 11.80
N LEU B 264 -23.41 -19.98 12.45
CA LEU B 264 -23.76 -18.76 13.20
C LEU B 264 -22.42 -18.00 13.41
N SER B 265 -22.49 -16.74 13.77
CA SER B 265 -21.28 -15.95 13.95
C SER B 265 -20.79 -16.06 15.38
N TYR B 266 -19.53 -16.42 15.47
CA TYR B 266 -18.85 -16.59 16.74
C TYR B 266 -17.39 -16.49 16.35
N PRO B 267 -16.50 -15.91 17.08
CA PRO B 267 -15.09 -15.82 16.71
C PRO B 267 -14.43 -17.19 16.46
N ALA B 268 -13.61 -17.31 15.45
CA ALA B 268 -12.90 -18.48 15.00
C ALA B 268 -11.48 -18.10 14.58
N ILE B 269 -10.58 -19.07 14.42
CA ILE B 269 -9.19 -18.76 14.01
C ILE B 269 -9.12 -19.09 12.53
N ILE B 270 -8.85 -18.09 11.69
CA ILE B 270 -8.85 -18.22 10.25
C ILE B 270 -7.45 -18.28 9.64
N GLY B 271 -7.30 -19.21 8.68
CA GLY B 271 -6.03 -19.39 8.00
C GLY B 271 -6.26 -19.87 6.59
N ARG B 272 -5.23 -20.32 5.90
CA ARG B 272 -5.36 -20.72 4.50
C ARG B 272 -6.30 -21.88 4.28
N ASP B 273 -6.52 -22.73 5.26
CA ASP B 273 -7.42 -23.87 5.12
C ASP B 273 -8.77 -23.56 5.72
N GLY B 274 -9.09 -22.29 5.92
CA GLY B 274 -10.36 -21.91 6.50
C GLY B 274 -10.31 -21.82 8.01
N VAL B 275 -11.40 -22.30 8.64
CA VAL B 275 -11.45 -22.23 10.12
C VAL B 275 -10.44 -23.22 10.66
N LEU B 276 -9.46 -22.80 11.44
CA LEU B 276 -8.47 -23.70 12.00
C LEU B 276 -8.77 -24.05 13.46
N ALA B 277 -9.57 -23.29 14.13
CA ALA B 277 -9.88 -23.60 15.53
C ALA B 277 -11.05 -22.72 15.96
N GLU B 278 -11.69 -23.08 17.06
CA GLU B 278 -12.82 -22.35 17.58
C GLU B 278 -12.36 -21.61 18.84
N THR B 279 -12.96 -20.50 19.17
CA THR B 279 -12.56 -19.82 20.41
C THR B 279 -13.62 -20.15 21.41
N THR B 280 -13.49 -19.82 22.69
CA THR B 280 -14.55 -20.07 23.66
C THR B 280 -14.67 -18.77 24.48
N LEU B 281 -15.88 -18.21 24.38
CA LEU B 281 -16.07 -16.94 25.10
C LEU B 281 -16.77 -17.20 26.42
N ASP B 282 -16.44 -16.42 27.44
CA ASP B 282 -17.12 -16.59 28.74
C ASP B 282 -18.33 -15.62 28.75
N LEU B 283 -19.36 -16.01 28.01
CA LEU B 283 -20.58 -15.29 27.84
C LEU B 283 -21.43 -15.36 29.11
N THR B 284 -22.28 -14.35 29.28
CA THR B 284 -23.17 -14.37 30.46
C THR B 284 -24.33 -15.31 30.12
N THR B 285 -25.03 -15.68 31.16
CA THR B 285 -26.21 -16.58 30.98
C THR B 285 -27.10 -16.08 29.88
N ASP B 286 -27.49 -14.81 29.95
CA ASP B 286 -28.37 -14.16 29.00
C ASP B 286 -27.80 -14.23 27.59
N GLU B 287 -26.51 -13.86 27.51
CA GLU B 287 -25.79 -13.90 26.24
C GLU B 287 -25.83 -15.30 25.68
N GLN B 288 -25.60 -16.31 26.52
CA GLN B 288 -25.66 -17.71 26.12
C GLN B 288 -27.04 -18.00 25.54
N GLU B 289 -28.05 -17.61 26.30
CA GLU B 289 -29.45 -17.79 25.86
C GLU B 289 -29.73 -17.18 24.51
N LYS B 290 -29.39 -15.90 24.29
CA LYS B 290 -29.62 -15.26 22.99
C LYS B 290 -28.92 -15.96 21.83
N LEU B 291 -27.75 -16.52 22.08
CA LEU B 291 -27.01 -17.19 21.02
C LEU B 291 -27.71 -18.44 20.58
N LEU B 292 -28.25 -19.20 21.52
CA LEU B 292 -28.98 -20.44 21.18
C LEU B 292 -30.26 -20.10 20.44
N GLN B 293 -30.87 -19.00 20.88
CA GLN B 293 -32.08 -18.51 20.24
C GLN B 293 -31.76 -18.25 18.77
N SER B 294 -30.62 -17.60 18.49
CA SER B 294 -30.19 -17.32 17.13
C SER B 294 -30.01 -18.62 16.36
N ARG B 295 -29.36 -19.59 17.00
CA ARG B 295 -29.12 -20.88 16.38
C ARG B 295 -30.41 -21.56 15.90
N ASP B 296 -31.47 -21.46 16.70
CA ASP B 296 -32.77 -22.03 16.37
C ASP B 296 -33.36 -21.36 15.16
N TYR B 297 -33.32 -20.02 15.10
CA TYR B 297 -33.85 -19.34 13.92
C TYR B 297 -33.04 -19.76 12.69
N ILE B 298 -31.73 -19.85 12.83
CA ILE B 298 -30.95 -20.26 11.66
C ILE B 298 -31.28 -21.68 11.31
N GLN B 299 -31.24 -22.55 12.32
CA GLN B 299 -31.54 -23.97 12.09
C GLN B 299 -32.87 -24.15 11.40
N GLN B 300 -33.92 -23.58 12.01
CA GLN B 300 -35.28 -23.68 11.51
C GLN B 300 -35.45 -23.19 10.09
N ARG B 301 -35.02 -21.96 9.77
CA ARG B 301 -35.17 -21.41 8.42
C ARG B 301 -34.34 -22.19 7.39
N PHE B 302 -33.25 -22.79 7.85
CA PHE B 302 -32.42 -23.60 7.02
C PHE B 302 -33.16 -24.87 6.63
N ASP B 303 -33.71 -25.61 7.59
CA ASP B 303 -34.47 -26.83 7.31
C ASP B 303 -35.66 -26.55 6.42
N GLU B 304 -36.34 -25.45 6.74
CA GLU B 304 -37.48 -24.95 6.00
C GLU B 304 -37.16 -24.77 4.52
N ILE B 305 -35.95 -24.32 4.21
CA ILE B 305 -35.54 -24.07 2.83
C ILE B 305 -34.92 -25.28 2.16
N VAL B 306 -34.29 -26.23 2.86
CA VAL B 306 -33.76 -27.37 2.12
C VAL B 306 -32.59 -28.07 2.74
N ALA C 1 -1.32 -18.31 -3.36
CA ALA C 1 -0.67 -17.30 -2.48
C ALA C 1 0.67 -16.93 -3.07
N ARG C 2 1.29 -15.87 -2.53
CA ARG C 2 2.58 -15.42 -3.05
C ARG C 2 3.68 -15.91 -2.10
N LYS C 3 4.70 -16.55 -2.66
CA LYS C 3 5.81 -17.06 -1.85
C LYS C 3 7.11 -16.58 -2.46
N ILE C 4 7.95 -15.98 -1.65
CA ILE C 4 9.22 -15.47 -2.16
C ILE C 4 10.37 -16.04 -1.32
N GLY C 5 11.41 -16.44 -2.05
CA GLY C 5 12.61 -16.97 -1.37
C GLY C 5 13.74 -15.97 -1.57
N ILE C 6 14.50 -15.71 -0.53
CA ILE C 6 15.64 -14.80 -0.63
C ILE C 6 16.87 -15.56 -0.15
N ILE C 7 17.87 -15.67 -1.00
CA ILE C 7 19.13 -16.39 -0.68
C ILE C 7 20.21 -15.37 -0.41
N GLY C 8 20.66 -15.28 0.82
CA GLY C 8 21.66 -14.30 1.22
C GLY C 8 20.99 -13.14 1.92
N LEU C 9 20.88 -13.17 3.24
CA LEU C 9 20.26 -12.10 4.01
C LEU C 9 21.28 -11.12 4.55
N GLY C 10 21.99 -10.48 3.66
CA GLY C 10 22.98 -9.48 4.06
C GLY C 10 22.39 -8.11 3.90
N ASN C 11 23.21 -7.12 3.62
CA ASN C 11 22.76 -5.73 3.46
C ASN C 11 21.70 -5.67 2.39
N VAL C 12 21.90 -6.19 1.21
CA VAL C 12 20.90 -6.12 0.16
C VAL C 12 19.74 -7.01 0.46
N GLY C 13 20.01 -8.24 0.89
CA GLY C 13 19.00 -9.23 1.18
C GLY C 13 18.01 -8.86 2.24
N ALA C 14 18.47 -8.25 3.31
CA ALA C 14 17.56 -7.81 4.38
C ALA C 14 16.73 -6.64 3.92
N ALA C 15 17.25 -5.73 3.10
CA ALA C 15 16.55 -4.58 2.55
C ALA C 15 15.49 -5.05 1.58
N VAL C 16 15.72 -6.08 0.80
CA VAL C 16 14.72 -6.64 -0.11
C VAL C 16 13.61 -7.20 0.74
N ALA C 17 13.96 -7.93 1.79
CA ALA C 17 12.98 -8.52 2.68
C ALA C 17 12.15 -7.43 3.33
N HIS C 18 12.74 -6.40 3.86
CA HIS C 18 12.00 -5.33 4.53
C HIS C 18 11.11 -4.60 3.54
N GLY C 19 11.54 -4.33 2.35
CA GLY C 19 10.77 -3.71 1.30
C GLY C 19 9.52 -4.50 1.00
N LEU C 20 9.58 -5.81 0.97
CA LEU C 20 8.43 -6.66 0.70
C LEU C 20 7.54 -6.75 1.92
N ILE C 21 8.08 -6.96 3.09
CA ILE C 21 7.29 -7.11 4.30
C ILE C 21 6.57 -5.82 4.69
N ALA C 22 7.18 -4.64 4.54
CA ALA C 22 6.56 -3.36 4.85
C ALA C 22 5.31 -3.19 4.02
N GLN C 23 5.33 -3.62 2.77
CA GLN C 23 4.16 -3.51 1.92
C GLN C 23 3.29 -4.74 2.02
N GLY C 24 3.70 -5.85 2.61
CA GLY C 24 2.78 -7.03 2.65
C GLY C 24 2.69 -7.59 1.26
N VAL C 25 3.78 -7.58 0.46
CA VAL C 25 3.72 -8.10 -0.90
C VAL C 25 3.50 -9.61 -0.98
N ALA C 26 4.22 -10.39 -0.21
CA ALA C 26 4.09 -11.83 -0.24
C ALA C 26 3.47 -12.36 1.05
N ASP C 27 2.89 -13.55 0.96
CA ASP C 27 2.27 -14.22 2.08
C ASP C 27 3.30 -15.08 2.82
N ASP C 28 4.16 -15.77 2.03
CA ASP C 28 5.19 -16.63 2.61
C ASP C 28 6.59 -16.26 2.14
N TYR C 29 7.53 -16.19 3.07
CA TYR C 29 8.92 -15.87 2.82
C TYR C 29 9.83 -16.99 3.29
N VAL C 30 10.89 -17.23 2.52
CA VAL C 30 11.88 -18.26 2.82
C VAL C 30 13.24 -17.58 2.83
N PHE C 31 13.90 -17.52 3.99
CA PHE C 31 15.20 -16.85 4.05
C PHE C 31 16.30 -17.88 4.13
N ILE C 32 17.27 -17.76 3.23
CA ILE C 32 18.36 -18.74 3.28
C ILE C 32 19.68 -18.04 3.41
N ASP C 33 20.46 -18.40 4.41
CA ASP C 33 21.72 -17.78 4.64
C ASP C 33 22.61 -18.78 5.40
N ALA C 34 23.89 -18.73 5.06
CA ALA C 34 24.92 -19.57 5.65
C ALA C 34 25.13 -19.26 7.13
N ASN C 35 24.96 -18.02 7.53
CA ASN C 35 25.10 -17.66 8.93
C ASN C 35 23.80 -17.87 9.65
N GLU C 36 23.61 -18.92 10.41
CA GLU C 36 22.36 -19.21 11.10
C GLU C 36 22.01 -18.13 12.10
N ALA C 37 22.95 -17.55 12.80
CA ALA C 37 22.66 -16.53 13.80
C ALA C 37 22.05 -15.29 13.16
N LYS C 38 22.64 -14.74 12.12
CA LYS C 38 22.16 -13.58 11.43
C LYS C 38 20.76 -13.82 10.86
N VAL C 39 20.54 -14.84 10.09
CA VAL C 39 19.23 -15.10 9.49
C VAL C 39 18.20 -15.35 10.56
N LYS C 40 18.55 -16.01 11.66
CA LYS C 40 17.61 -16.27 12.76
C LYS C 40 17.32 -14.97 13.47
N ALA C 41 18.26 -14.06 13.62
CA ALA C 41 18.07 -12.76 14.23
C ALA C 41 17.13 -11.92 13.36
N ASP C 42 17.28 -11.93 12.07
CA ASP C 42 16.41 -11.20 11.14
C ASP C 42 15.00 -11.78 11.20
N GLN C 43 14.83 -13.06 11.23
CA GLN C 43 13.51 -13.67 11.29
C GLN C 43 12.77 -13.23 12.52
N ILE C 44 13.38 -13.34 13.67
CA ILE C 44 12.75 -12.93 14.93
C ILE C 44 12.45 -11.45 14.89
N ASP C 45 13.34 -10.63 14.36
CA ASP C 45 13.13 -9.18 14.28
C ASP C 45 11.95 -8.88 13.41
N PHE C 46 11.75 -9.55 12.29
CA PHE C 46 10.61 -9.36 11.45
C PHE C 46 9.37 -9.86 12.14
N GLN C 47 9.43 -10.93 12.91
CA GLN C 47 8.28 -11.48 13.61
C GLN C 47 7.86 -10.57 14.74
N ASP C 48 8.79 -9.79 15.26
CA ASP C 48 8.51 -8.83 16.31
C ASP C 48 7.70 -7.65 15.75
N ALA C 49 7.90 -7.33 14.49
CA ALA C 49 7.28 -6.27 13.76
C ALA C 49 5.87 -6.67 13.39
N MET C 50 5.57 -7.96 13.27
CA MET C 50 4.22 -8.40 12.87
C MET C 50 3.07 -7.89 13.71
N ALA C 51 3.21 -7.75 15.00
CA ALA C 51 2.12 -7.27 15.83
C ALA C 51 1.76 -5.83 15.47
N ASN C 52 2.65 -5.01 14.94
CA ASN C 52 2.44 -3.62 14.59
C ASN C 52 2.47 -3.36 13.09
N LEU C 53 2.39 -4.38 12.28
CA LEU C 53 2.39 -4.20 10.83
C LEU C 53 0.95 -4.40 10.32
N GLU C 54 0.64 -3.90 9.13
CA GLU C 54 -0.67 -3.99 8.56
C GLU C 54 -0.96 -5.30 7.87
N ALA C 55 0.06 -5.87 7.21
CA ALA C 55 -0.15 -7.17 6.53
C ALA C 55 0.70 -8.22 7.21
N HIS C 56 0.29 -9.47 7.14
CA HIS C 56 0.97 -10.59 7.75
C HIS C 56 1.80 -11.35 6.72
N GLY C 57 2.91 -11.88 7.14
CA GLY C 57 3.82 -12.69 6.30
C GLY C 57 4.38 -13.78 7.20
N ASN C 58 4.55 -14.98 6.63
CA ASN C 58 5.11 -16.12 7.36
C ASN C 58 6.54 -16.27 6.94
N ILE C 59 7.44 -16.47 7.88
CA ILE C 59 8.86 -16.56 7.54
C ILE C 59 9.51 -17.88 7.99
N VAL C 60 10.06 -18.60 7.00
CA VAL C 60 10.80 -19.83 7.33
C VAL C 60 12.24 -19.58 6.90
N ILE C 61 13.18 -20.21 7.62
CA ILE C 61 14.61 -20.04 7.32
C ILE C 61 15.33 -21.37 7.05
N ASN C 62 16.30 -21.32 6.16
CA ASN C 62 17.19 -22.39 5.77
C ASN C 62 16.49 -23.70 5.54
N ASP C 63 15.44 -23.69 4.76
CA ASP C 63 14.64 -24.85 4.45
C ASP C 63 14.57 -24.87 2.94
N TRP C 64 15.52 -25.59 2.31
CA TRP C 64 15.54 -25.61 0.85
C TRP C 64 14.31 -26.18 0.24
N ALA C 65 13.65 -27.11 0.90
CA ALA C 65 12.45 -27.73 0.33
C ALA C 65 11.30 -26.76 0.26
N ALA C 66 11.29 -25.73 1.09
CA ALA C 66 10.23 -24.73 1.13
C ALA C 66 10.19 -23.91 -0.14
N LEU C 67 11.23 -23.88 -0.93
CA LEU C 67 11.30 -23.18 -2.18
C LEU C 67 10.59 -23.85 -3.32
N ALA C 68 10.10 -25.05 -3.14
CA ALA C 68 9.45 -25.80 -4.22
C ALA C 68 8.36 -25.06 -4.94
N ASP C 69 7.52 -24.37 -4.19
CA ASP C 69 6.40 -23.62 -4.80
C ASP C 69 6.56 -22.11 -4.71
N ALA C 70 7.75 -21.62 -4.51
CA ALA C 70 8.07 -20.20 -4.45
C ALA C 70 7.80 -19.64 -5.85
N ASP C 71 7.25 -18.43 -5.90
CA ASP C 71 6.96 -17.77 -7.16
C ASP C 71 8.22 -17.19 -7.76
N VAL C 72 9.04 -16.57 -6.94
CA VAL C 72 10.26 -15.92 -7.31
C VAL C 72 11.30 -16.22 -6.24
N VAL C 73 12.56 -16.29 -6.63
CA VAL C 73 13.66 -16.50 -5.68
C VAL C 73 14.66 -15.41 -6.03
N ILE C 74 15.11 -14.68 -5.01
CA ILE C 74 16.07 -13.60 -5.26
C ILE C 74 17.38 -14.01 -4.60
N SER C 75 18.45 -14.02 -5.38
CA SER C 75 19.75 -14.40 -4.84
C SER C 75 20.62 -13.19 -4.70
N THR C 76 21.20 -12.96 -3.52
CA THR C 76 22.04 -11.77 -3.41
C THR C 76 23.49 -12.16 -3.19
N LEU C 77 23.89 -13.38 -3.48
CA LEU C 77 25.28 -13.83 -3.34
C LEU C 77 26.14 -13.28 -4.47
N GLY C 78 27.41 -13.01 -4.23
CA GLY C 78 28.27 -12.48 -5.30
C GLY C 78 29.57 -11.87 -4.78
N GLY C 89 46.52 -16.55 -8.32
CA GLY C 89 46.75 -16.96 -6.88
C GLY C 89 45.40 -16.60 -6.22
N ASP C 90 45.38 -15.51 -5.48
CA ASP C 90 44.15 -15.04 -4.79
C ASP C 90 43.03 -14.70 -5.77
N ARG C 91 43.32 -14.13 -6.94
CA ARG C 91 42.27 -13.83 -7.91
C ARG C 91 41.67 -15.15 -8.37
N PHE C 92 42.56 -16.10 -8.64
CA PHE C 92 42.15 -17.45 -9.06
C PHE C 92 41.33 -18.12 -7.95
N ALA C 93 41.82 -17.98 -6.72
CA ALA C 93 41.13 -18.55 -5.57
C ALA C 93 39.72 -17.96 -5.49
N GLU C 94 39.61 -16.65 -5.58
CA GLU C 94 38.33 -15.98 -5.51
C GLU C 94 37.39 -16.49 -6.56
N LEU C 95 37.84 -16.66 -7.79
CA LEU C 95 37.00 -17.16 -8.84
C LEU C 95 36.54 -18.58 -8.53
N LYS C 96 37.46 -19.39 -8.06
CA LYS C 96 37.21 -20.80 -7.74
C LYS C 96 36.14 -20.90 -6.67
N PHE C 97 36.27 -20.09 -5.62
CA PHE C 97 35.30 -20.11 -4.53
C PHE C 97 33.96 -19.53 -4.91
N THR C 98 33.87 -18.52 -5.77
CA THR C 98 32.63 -17.95 -6.26
C THR C 98 31.89 -18.93 -7.14
N SER C 99 32.59 -19.62 -8.05
CA SER C 99 31.94 -20.61 -8.92
C SER C 99 31.47 -21.79 -8.09
N SER C 100 32.24 -22.14 -7.06
CA SER C 100 31.84 -23.26 -6.19
C SER C 100 30.53 -22.90 -5.52
N MET C 101 30.47 -21.70 -4.94
CA MET C 101 29.24 -21.26 -4.25
C MET C 101 28.05 -21.25 -5.16
N VAL C 102 28.18 -20.74 -6.36
CA VAL C 102 27.05 -20.73 -7.33
C VAL C 102 26.63 -22.15 -7.68
N GLN C 103 27.57 -23.06 -7.73
CA GLN C 103 27.27 -24.46 -8.05
C GLN C 103 26.52 -25.11 -6.91
N SER C 104 26.93 -24.94 -5.67
CA SER C 104 26.25 -25.50 -4.50
C SER C 104 24.83 -24.97 -4.31
N VAL C 105 24.72 -23.64 -4.32
CA VAL C 105 23.41 -22.96 -4.19
C VAL C 105 22.51 -23.34 -5.35
N GLY C 106 23.04 -23.27 -6.57
CA GLY C 106 22.29 -23.63 -7.77
C GLY C 106 21.80 -25.06 -7.78
N THR C 107 22.63 -26.00 -7.32
CA THR C 107 22.26 -27.42 -7.31
C THR C 107 21.17 -27.68 -6.31
N ASN C 108 21.36 -27.12 -5.11
CA ASN C 108 20.32 -27.28 -4.08
C ASN C 108 19.01 -26.61 -4.50
N LEU C 109 19.12 -25.47 -5.19
CA LEU C 109 17.96 -24.76 -5.71
C LEU C 109 17.26 -25.65 -6.73
N LYS C 110 18.01 -26.24 -7.65
CA LYS C 110 17.44 -27.10 -8.68
C LYS C 110 16.76 -28.31 -8.07
N GLU C 111 17.43 -28.91 -7.08
CA GLU C 111 16.95 -30.10 -6.40
C GLU C 111 15.74 -29.87 -5.55
N SER C 112 15.45 -28.64 -5.11
CA SER C 112 14.29 -28.34 -4.28
C SER C 112 13.00 -28.49 -5.07
N GLY C 113 13.07 -28.41 -6.38
CA GLY C 113 11.88 -28.54 -7.21
C GLY C 113 11.38 -27.14 -7.65
N PHE C 114 12.11 -26.10 -7.21
CA PHE C 114 11.72 -24.75 -7.55
C PHE C 114 11.65 -24.68 -9.06
N HIS C 115 10.59 -24.04 -9.57
CA HIS C 115 10.42 -23.89 -11.00
C HIS C 115 9.89 -22.50 -11.32
N GLY C 116 10.14 -21.50 -10.50
CA GLY C 116 9.64 -20.14 -10.74
C GLY C 116 10.73 -19.39 -11.49
N VAL C 117 10.82 -18.12 -11.19
CA VAL C 117 11.79 -17.22 -11.78
C VAL C 117 12.83 -16.86 -10.74
N LEU C 118 14.07 -16.90 -11.17
CA LEU C 118 15.22 -16.60 -10.30
C LEU C 118 15.77 -15.23 -10.70
N VAL C 119 15.84 -14.33 -9.70
CA VAL C 119 16.35 -12.98 -9.97
C VAL C 119 17.65 -12.86 -9.25
N VAL C 120 18.73 -12.54 -9.93
CA VAL C 120 20.05 -12.44 -9.31
C VAL C 120 20.54 -11.04 -9.15
N ILE C 121 21.04 -10.70 -7.98
CA ILE C 121 21.67 -9.45 -7.63
C ILE C 121 23.11 -9.90 -7.34
N SER C 122 24.14 -9.37 -7.95
CA SER C 122 25.48 -9.86 -7.63
C SER C 122 26.52 -9.02 -8.29
N ASN C 123 27.77 -9.43 -8.33
CA ASN C 123 28.73 -8.57 -9.04
C ASN C 123 29.88 -9.44 -9.46
N PRO C 124 30.12 -9.57 -10.76
CA PRO C 124 29.41 -8.95 -11.86
C PRO C 124 28.10 -9.65 -12.09
N VAL C 125 26.97 -8.94 -12.10
CA VAL C 125 25.66 -9.56 -12.25
C VAL C 125 25.42 -10.35 -13.51
N ASP C 126 25.88 -9.91 -14.67
CA ASP C 126 25.63 -10.62 -15.93
C ASP C 126 26.34 -11.97 -15.97
N VAL C 127 27.59 -12.01 -15.49
CA VAL C 127 28.38 -13.23 -15.44
C VAL C 127 27.75 -14.22 -14.46
N ILE C 128 27.50 -13.77 -13.22
CA ILE C 128 26.92 -14.62 -12.20
C ILE C 128 25.54 -15.06 -12.60
N THR C 129 24.78 -14.23 -13.33
CA THR C 129 23.47 -14.70 -13.77
C THR C 129 23.63 -15.83 -14.74
N ALA C 130 24.53 -15.70 -15.72
CA ALA C 130 24.78 -16.72 -16.75
C ALA C 130 25.31 -18.01 -16.10
N LEU C 131 26.10 -17.88 -15.06
CA LEU C 131 26.60 -19.02 -14.30
C LEU C 131 25.46 -19.76 -13.61
N PHE C 132 24.49 -19.09 -13.00
CA PHE C 132 23.35 -19.74 -12.35
C PHE C 132 22.50 -20.44 -13.39
N GLN C 133 22.40 -19.83 -14.58
CA GLN C 133 21.64 -20.44 -15.66
C GLN C 133 22.34 -21.76 -16.04
N HIS C 134 23.65 -21.71 -16.16
CA HIS C 134 24.49 -22.84 -16.54
C HIS C 134 24.44 -24.00 -15.56
N VAL C 135 24.62 -23.76 -14.30
CA VAL C 135 24.59 -24.71 -13.22
C VAL C 135 23.23 -25.28 -12.91
N THR C 136 22.15 -24.51 -12.96
CA THR C 136 20.83 -25.05 -12.61
C THR C 136 20.17 -25.81 -13.72
N GLY C 137 20.43 -25.39 -14.96
CA GLY C 137 19.77 -26.00 -16.11
C GLY C 137 18.38 -25.42 -16.34
N PHE C 138 18.08 -24.32 -15.62
CA PHE C 138 16.77 -23.69 -15.80
C PHE C 138 16.84 -23.00 -17.15
N PRO C 139 15.74 -22.95 -17.86
CA PRO C 139 15.69 -22.30 -19.16
C PRO C 139 16.11 -20.87 -18.96
N ALA C 140 16.92 -20.28 -19.81
CA ALA C 140 17.44 -18.95 -19.69
C ALA C 140 16.41 -17.86 -19.44
N HIS C 141 15.18 -18.03 -19.89
CA HIS C 141 14.14 -17.01 -19.71
C HIS C 141 13.63 -17.03 -18.29
N LYS C 142 14.01 -17.99 -17.47
CA LYS C 142 13.54 -17.98 -16.07
C LYS C 142 14.63 -17.55 -15.14
N VAL C 143 15.78 -17.20 -15.71
CA VAL C 143 16.93 -16.77 -14.91
C VAL C 143 17.35 -15.39 -15.41
N ILE C 144 17.06 -14.34 -14.62
CA ILE C 144 17.40 -12.97 -15.02
C ILE C 144 18.11 -12.24 -13.90
N GLY C 145 18.89 -11.24 -14.23
CA GLY C 145 19.62 -10.47 -13.23
C GLY C 145 19.13 -9.03 -13.26
N THR C 146 19.27 -8.31 -12.15
CA THR C 146 18.82 -6.92 -12.10
C THR C 146 19.58 -6.11 -13.11
N GLY C 147 20.81 -6.32 -13.42
CA GLY C 147 21.55 -5.59 -14.43
C GLY C 147 21.64 -4.10 -14.25
N THR C 148 21.32 -3.34 -15.32
CA THR C 148 21.38 -1.91 -15.32
C THR C 148 20.07 -1.22 -14.92
N LEU C 149 19.11 -1.94 -14.33
CA LEU C 149 17.88 -1.35 -13.81
C LEU C 149 18.28 -0.32 -12.76
N LEU C 150 19.24 -0.62 -11.92
CA LEU C 150 19.75 0.29 -10.96
C LEU C 150 20.49 1.42 -11.66
N ASP C 151 21.32 1.14 -12.65
CA ASP C 151 22.06 2.17 -13.36
C ASP C 151 21.12 3.14 -14.09
N THR C 152 20.06 2.62 -14.66
CA THR C 152 19.05 3.39 -15.35
C THR C 152 18.36 4.31 -14.35
N ALA C 153 17.98 3.80 -13.18
CA ALA C 153 17.37 4.60 -12.12
C ALA C 153 18.27 5.71 -11.65
N ARG C 154 19.60 5.56 -11.70
CA ARG C 154 20.54 6.59 -11.33
C ARG C 154 20.63 7.65 -12.42
N MET C 155 20.51 7.26 -13.67
CA MET C 155 20.51 8.17 -14.80
C MET C 155 19.22 9.01 -14.67
N GLN C 156 18.09 8.34 -14.39
CA GLN C 156 16.82 8.99 -14.18
C GLN C 156 16.87 9.98 -13.04
N ARG C 157 17.55 9.72 -11.95
CA ARG C 157 17.73 10.61 -10.85
C ARG C 157 18.55 11.83 -11.26
N ALA C 158 19.66 11.63 -11.97
CA ALA C 158 20.53 12.71 -12.38
C ALA C 158 19.83 13.63 -13.36
N VAL C 159 19.20 13.06 -14.36
CA VAL C 159 18.44 13.83 -15.37
C VAL C 159 17.28 14.56 -14.68
N GLY C 160 16.54 13.85 -13.83
CA GLY C 160 15.44 14.38 -13.08
C GLY C 160 15.90 15.59 -12.28
N GLU C 161 17.04 15.49 -11.60
CA GLU C 161 17.54 16.63 -10.84
C GLU C 161 17.92 17.77 -11.77
N ALA C 162 18.53 17.48 -12.87
CA ALA C 162 18.90 18.50 -13.84
C ALA C 162 17.68 19.24 -14.38
N PHE C 163 16.53 18.64 -14.55
CA PHE C 163 15.37 19.30 -15.09
C PHE C 163 14.21 19.46 -14.12
N ASP C 164 14.47 19.26 -12.84
CA ASP C 164 13.48 19.35 -11.76
C ASP C 164 12.24 18.57 -12.09
N LEU C 165 12.39 17.30 -12.48
CA LEU C 165 11.46 16.34 -12.90
C LEU C 165 11.46 15.05 -12.03
N ASP C 166 10.32 14.42 -12.05
CA ASP C 166 10.11 13.14 -11.35
C ASP C 166 10.94 12.16 -12.16
N PRO C 167 11.75 11.32 -11.55
CA PRO C 167 12.61 10.34 -12.23
C PRO C 167 11.81 9.37 -13.02
N ARG C 168 10.62 9.06 -12.54
CA ARG C 168 9.75 8.17 -13.29
C ARG C 168 9.37 8.83 -14.60
N SER C 169 9.41 10.15 -14.76
CA SER C 169 9.00 10.79 -16.00
C SER C 169 10.10 10.93 -17.04
N VAL C 170 11.29 10.44 -16.74
CA VAL C 170 12.44 10.39 -17.62
C VAL C 170 12.50 9.02 -18.30
N SER C 171 12.47 8.97 -19.63
CA SER C 171 12.51 7.66 -20.27
C SER C 171 13.91 7.36 -20.78
N GLY C 172 14.15 6.13 -21.20
CA GLY C 172 15.51 5.80 -21.66
C GLY C 172 16.16 4.81 -20.73
N TYR C 173 17.27 4.22 -21.23
CA TYR C 173 17.94 3.19 -20.50
C TYR C 173 19.48 3.24 -20.58
N ASN C 174 20.06 2.52 -19.63
CA ASN C 174 21.49 2.26 -19.51
C ASN C 174 21.63 0.81 -20.04
N LEU C 175 22.54 0.62 -20.95
CA LEU C 175 22.62 -0.78 -21.46
C LEU C 175 23.98 -1.39 -21.23
N GLY C 176 24.10 -2.71 -21.53
CA GLY C 176 25.31 -3.42 -21.40
C GLY C 176 25.70 -4.12 -20.11
N GLU C 177 26.98 -3.98 -19.76
CA GLU C 177 27.55 -4.61 -18.61
C GLU C 177 27.48 -3.80 -17.35
N HIS C 178 26.70 -4.21 -16.38
CA HIS C 178 26.60 -3.49 -15.13
C HIS C 178 27.91 -3.62 -14.36
N GLY C 179 28.37 -2.53 -13.75
CA GLY C 179 29.62 -2.61 -13.00
C GLY C 179 30.83 -2.17 -13.78
N ASN C 180 30.75 -2.10 -15.11
CA ASN C 180 31.93 -1.66 -15.87
C ASN C 180 31.53 -1.00 -17.16
N SER C 181 31.58 -1.66 -18.29
CA SER C 181 31.24 -1.04 -19.56
C SER C 181 29.79 -0.69 -19.82
N GLN C 182 28.87 -0.58 -18.87
CA GLN C 182 27.48 -0.21 -19.23
C GLN C 182 27.51 1.28 -19.60
N PHE C 183 26.57 1.71 -20.42
CA PHE C 183 26.50 3.08 -20.88
C PHE C 183 25.07 3.56 -20.99
N VAL C 184 24.93 4.91 -20.89
CA VAL C 184 23.60 5.48 -21.07
C VAL C 184 23.32 5.50 -22.58
N ALA C 185 22.25 4.91 -23.04
CA ALA C 185 21.90 4.97 -24.47
C ALA C 185 21.11 6.28 -24.59
N TRP C 186 21.73 7.44 -24.67
CA TRP C 186 21.16 8.78 -24.73
C TRP C 186 20.20 8.96 -25.88
N SER C 187 20.23 8.14 -26.90
CA SER C 187 19.29 8.21 -28.00
C SER C 187 17.95 7.70 -27.54
N THR C 188 17.77 7.11 -26.37
CA THR C 188 16.49 6.60 -25.90
C THR C 188 15.90 7.50 -24.83
N VAL C 189 16.68 8.43 -24.29
CA VAL C 189 16.26 9.29 -23.21
C VAL C 189 15.44 10.49 -23.67
N ARG C 190 14.21 10.61 -23.16
CA ARG C 190 13.32 11.71 -23.46
C ARG C 190 12.90 12.40 -22.15
N VAL C 191 12.84 13.74 -22.20
CA VAL C 191 12.44 14.53 -21.06
C VAL C 191 11.46 15.65 -21.56
N MET C 192 10.32 15.73 -20.90
CA MET C 192 9.33 16.75 -21.26
C MET C 192 8.96 16.79 -22.72
N GLY C 193 8.72 15.66 -23.33
CA GLY C 193 8.37 15.47 -24.69
C GLY C 193 9.47 15.52 -25.70
N GLN C 194 10.66 16.00 -25.37
CA GLN C 194 11.74 16.11 -26.30
C GLN C 194 12.88 15.14 -26.06
N PRO C 195 13.49 14.65 -27.13
CA PRO C 195 14.63 13.77 -26.98
C PRO C 195 15.67 14.62 -26.29
N ILE C 196 16.38 14.15 -25.29
CA ILE C 196 17.38 14.95 -24.57
C ILE C 196 18.57 15.28 -25.41
N VAL C 197 18.84 14.55 -26.50
CA VAL C 197 19.96 14.83 -27.40
C VAL C 197 19.74 16.18 -28.07
N THR C 198 18.48 16.45 -28.42
CA THR C 198 18.06 17.69 -29.03
C THR C 198 18.27 18.84 -28.05
N LEU C 199 17.82 18.63 -26.80
CA LEU C 199 18.03 19.69 -25.79
C LEU C 199 19.52 19.80 -25.55
N ALA C 200 20.28 18.70 -25.65
CA ALA C 200 21.73 18.81 -25.47
C ALA C 200 22.32 19.70 -26.54
N ASP C 201 21.96 19.52 -27.82
CA ASP C 201 22.47 20.30 -28.93
C ASP C 201 22.22 21.80 -28.84
N ALA C 202 21.21 22.26 -28.14
CA ALA C 202 20.91 23.67 -27.95
C ALA C 202 21.70 24.37 -26.84
N ILE C 205 21.94 21.90 -21.60
CA ILE C 205 22.35 20.67 -20.88
C ILE C 205 23.58 19.96 -21.42
N ASP C 206 24.50 19.55 -20.52
CA ASP C 206 25.71 18.83 -20.84
C ASP C 206 25.55 17.35 -20.45
N LEU C 207 25.31 16.47 -21.40
CA LEU C 207 25.06 15.05 -21.12
C LEU C 207 26.18 14.33 -20.42
N ALA C 208 27.42 14.72 -20.66
CA ALA C 208 28.57 14.07 -20.02
C ALA C 208 28.57 14.35 -18.52
N ALA C 209 28.20 15.54 -18.11
CA ALA C 209 28.08 15.92 -16.71
C ALA C 209 27.01 15.07 -16.00
N ILE C 210 25.90 14.84 -16.69
CA ILE C 210 24.77 14.09 -16.19
C ILE C 210 25.26 12.67 -15.96
N GLU C 211 26.01 12.16 -16.94
CA GLU C 211 26.61 10.83 -16.79
C GLU C 211 27.56 10.81 -15.60
N GLU C 212 28.32 11.85 -15.35
CA GLU C 212 29.21 11.97 -14.20
C GLU C 212 28.50 11.88 -12.88
N GLU C 213 27.42 12.64 -12.69
CA GLU C 213 26.60 12.70 -11.48
C GLU C 213 25.99 11.37 -11.09
N ALA C 214 25.53 10.59 -12.07
CA ALA C 214 24.93 9.29 -11.81
C ALA C 214 25.98 8.32 -11.31
N ARG C 215 27.15 8.29 -11.95
CA ARG C 215 28.26 7.42 -11.56
C ARG C 215 28.79 7.89 -10.23
N LYS C 216 29.02 9.21 -10.12
CA LYS C 216 29.49 9.84 -8.88
C LYS C 216 28.54 9.53 -7.73
N GLY C 217 27.26 9.36 -8.00
CA GLY C 217 26.23 9.06 -7.07
C GLY C 217 26.47 7.78 -6.31
N GLY C 218 26.83 6.75 -7.05
CA GLY C 218 27.13 5.42 -6.50
C GLY C 218 28.34 5.44 -5.59
N PHE C 219 29.34 6.25 -5.94
CA PHE C 219 30.53 6.37 -5.10
C PHE C 219 30.24 7.07 -3.80
N THR C 220 29.39 8.06 -3.82
CA THR C 220 29.02 8.76 -2.57
C THR C 220 28.32 7.77 -1.64
N VAL C 221 27.49 6.89 -2.18
CA VAL C 221 26.81 5.91 -1.36
C VAL C 221 27.80 4.94 -0.74
N LEU C 222 28.72 4.45 -1.59
CA LEU C 222 29.76 3.53 -1.13
C LEU C 222 30.67 4.19 -0.12
N ASN C 223 31.09 5.41 -0.40
CA ASN C 223 31.97 6.13 0.51
C ASN C 223 31.32 6.43 1.86
N GLY C 224 30.06 6.82 1.89
CA GLY C 224 29.43 7.11 3.14
C GLY C 224 28.82 5.94 3.84
N LYS C 225 28.42 4.91 3.13
CA LYS C 225 27.75 3.74 3.78
C LYS C 225 28.58 2.49 3.77
N GLY C 226 29.46 2.32 2.80
CA GLY C 226 30.31 1.13 2.68
C GLY C 226 29.61 0.11 1.81
N TYR C 227 28.48 0.39 1.24
CA TYR C 227 27.64 -0.45 0.43
C TYR C 227 26.39 0.29 0.03
N THR C 228 25.64 -0.23 -0.91
CA THR C 228 24.39 0.34 -1.38
C THR C 228 23.30 -0.70 -1.19
N SER C 229 22.07 -0.36 -0.92
CA SER C 229 21.02 -1.37 -0.70
C SER C 229 19.66 -0.98 -1.21
N TYR C 230 19.18 0.21 -0.86
CA TYR C 230 17.83 0.65 -1.29
C TYR C 230 17.71 0.73 -2.78
N GLY C 231 18.63 1.37 -3.48
CA GLY C 231 18.48 1.40 -4.95
C GLY C 231 18.32 0.04 -5.60
N VAL C 232 19.27 -0.90 -5.27
CA VAL C 232 19.23 -2.24 -5.90
C VAL C 232 18.15 -3.11 -5.38
N ALA C 233 17.85 -3.08 -4.08
CA ALA C 233 16.76 -3.89 -3.51
C ALA C 233 15.46 -3.56 -4.18
N THR C 234 15.22 -2.25 -4.43
CA THR C 234 13.96 -1.81 -5.05
C THR C 234 13.82 -2.32 -6.46
N SER C 235 14.91 -2.40 -7.20
CA SER C 235 14.95 -2.99 -8.51
C SER C 235 14.44 -4.43 -8.52
N ALA C 236 14.99 -5.26 -7.63
CA ALA C 236 14.59 -6.67 -7.54
C ALA C 236 13.12 -6.73 -7.22
N ILE C 237 12.65 -5.91 -6.29
CA ILE C 237 11.23 -5.90 -5.88
C ILE C 237 10.33 -5.55 -7.05
N ARG C 238 10.72 -4.61 -7.88
CA ARG C 238 9.90 -4.22 -9.04
C ARG C 238 9.76 -5.35 -10.01
N ILE C 239 10.86 -6.04 -10.28
CA ILE C 239 10.93 -7.25 -11.13
C ILE C 239 10.10 -8.36 -10.51
N ALA C 240 10.24 -8.62 -9.21
CA ALA C 240 9.50 -9.67 -8.52
C ALA C 240 8.01 -9.48 -8.66
N LYS C 241 7.53 -8.23 -8.57
CA LYS C 241 6.07 -7.98 -8.71
C LYS C 241 5.61 -8.19 -10.14
N ALA C 242 6.42 -7.83 -11.11
CA ALA C 242 6.04 -8.03 -12.53
C ALA C 242 5.85 -9.50 -12.78
N VAL C 243 6.74 -10.35 -12.21
CA VAL C 243 6.63 -11.80 -12.35
C VAL C 243 5.39 -12.31 -11.71
N MET C 244 5.14 -12.12 -10.41
CA MET C 244 3.93 -12.64 -9.77
C MET C 244 2.64 -12.17 -10.38
N ALA C 245 2.57 -10.94 -10.86
CA ALA C 245 1.32 -10.41 -11.44
C ALA C 245 1.15 -10.73 -12.91
N ASP C 246 2.14 -11.36 -13.50
CA ASP C 246 2.20 -11.69 -14.92
C ASP C 246 1.92 -10.39 -15.68
N ALA C 247 2.63 -9.33 -15.37
CA ALA C 247 2.42 -8.04 -15.95
C ALA C 247 2.77 -7.87 -17.41
N HIS C 248 3.79 -8.54 -17.93
CA HIS C 248 4.22 -8.37 -19.31
C HIS C 248 4.76 -6.93 -19.40
N ALA C 249 5.46 -6.54 -18.37
CA ALA C 249 6.00 -5.20 -18.23
C ALA C 249 7.35 -5.13 -18.89
N GLU C 250 7.64 -4.02 -19.51
CA GLU C 250 8.94 -3.84 -20.13
C GLU C 250 9.91 -3.31 -19.09
N LEU C 251 10.98 -4.07 -18.84
CA LEU C 251 11.98 -3.64 -17.83
C LEU C 251 13.36 -3.93 -18.40
N VAL C 252 14.34 -3.14 -18.10
CA VAL C 252 15.69 -3.37 -18.57
C VAL C 252 16.36 -4.27 -17.52
N VAL C 253 16.57 -5.54 -17.83
CA VAL C 253 17.16 -6.51 -16.98
C VAL C 253 18.26 -7.27 -17.73
N SER C 254 19.02 -8.04 -16.96
CA SER C 254 20.08 -8.87 -17.59
C SER C 254 19.42 -10.14 -18.12
N ASN C 255 19.36 -10.26 -19.45
CA ASN C 255 18.74 -11.42 -20.05
C ASN C 255 19.57 -11.87 -21.26
N ARG C 256 19.35 -13.10 -21.68
CA ARG C 256 20.12 -13.63 -22.80
C ARG C 256 19.35 -13.56 -24.11
N ARG C 257 19.79 -12.63 -24.94
CA ARG C 257 19.13 -12.46 -26.23
C ARG C 257 19.71 -13.45 -27.25
N ASP C 258 18.84 -13.92 -28.15
CA ASP C 258 19.31 -14.81 -29.21
C ASP C 258 20.40 -14.18 -30.03
N ASP C 259 20.27 -12.92 -30.42
CA ASP C 259 21.27 -12.23 -31.22
C ASP C 259 22.55 -11.92 -30.48
N MET C 260 22.56 -11.90 -29.16
CA MET C 260 23.78 -11.58 -28.41
C MET C 260 24.50 -12.82 -27.98
N GLY C 261 23.75 -13.87 -27.68
CA GLY C 261 24.19 -15.15 -27.21
C GLY C 261 24.72 -15.28 -25.79
N MET C 262 24.95 -14.23 -25.08
CA MET C 262 25.41 -14.01 -23.76
C MET C 262 24.34 -13.15 -23.06
N TYR C 263 24.40 -13.00 -21.78
CA TYR C 263 23.57 -12.24 -20.89
C TYR C 263 24.09 -10.82 -20.83
N LEU C 264 23.22 -9.84 -20.90
CA LEU C 264 23.56 -8.41 -20.77
C LEU C 264 22.22 -7.64 -20.57
N SER C 265 22.35 -6.40 -20.12
CA SER C 265 21.10 -5.64 -19.91
C SER C 265 20.61 -5.00 -21.19
N TYR C 266 19.31 -5.22 -21.39
CA TYR C 266 18.56 -4.72 -22.53
C TYR C 266 17.09 -4.95 -22.18
N PRO C 267 16.21 -4.00 -22.46
CA PRO C 267 14.80 -4.12 -22.16
C PRO C 267 14.21 -5.43 -22.68
N ALA C 268 13.31 -6.01 -21.90
CA ALA C 268 12.63 -7.25 -22.26
C ALA C 268 11.26 -7.23 -21.64
N ILE C 269 10.35 -8.06 -22.06
CA ILE C 269 8.99 -8.10 -21.51
C ILE C 269 8.88 -9.14 -20.41
N ILE C 270 8.75 -8.74 -19.15
CA ILE C 270 8.72 -9.69 -18.04
C ILE C 270 7.35 -10.11 -17.62
N GLY C 271 7.15 -11.38 -17.31
CA GLY C 271 5.85 -11.89 -16.88
C GLY C 271 6.06 -13.01 -15.91
N ARG C 272 5.04 -13.82 -15.66
CA ARG C 272 5.12 -14.91 -14.70
C ARG C 272 6.07 -16.04 -15.10
N ASP C 273 6.37 -16.13 -16.38
CA ASP C 273 7.28 -17.12 -16.87
C ASP C 273 8.64 -16.54 -17.08
N GLY C 274 8.90 -15.32 -16.65
CA GLY C 274 10.27 -14.78 -16.87
C GLY C 274 10.23 -13.95 -18.14
N VAL C 275 11.28 -13.91 -18.90
CA VAL C 275 11.30 -13.12 -20.12
C VAL C 275 10.32 -13.68 -21.11
N LEU C 276 9.30 -12.87 -21.46
CA LEU C 276 8.30 -13.36 -22.43
C LEU C 276 8.63 -12.87 -23.83
N ALA C 277 9.41 -11.79 -23.95
CA ALA C 277 9.71 -11.32 -25.31
C ALA C 277 10.84 -10.31 -25.23
N GLU C 278 11.49 -10.08 -26.35
CA GLU C 278 12.62 -9.15 -26.40
C GLU C 278 12.12 -7.85 -27.01
N THR C 279 12.83 -6.76 -26.78
CA THR C 279 12.42 -5.49 -27.35
C THR C 279 13.47 -5.18 -28.41
N THR C 280 13.20 -4.19 -29.22
CA THR C 280 14.08 -3.82 -30.31
C THR C 280 14.31 -2.32 -30.26
N LEU C 281 15.48 -1.91 -29.87
CA LEU C 281 15.77 -0.49 -29.80
C LEU C 281 16.52 -0.06 -31.05
N ASP C 282 16.20 1.11 -31.59
CA ASP C 282 16.96 1.58 -32.78
C ASP C 282 18.11 2.39 -32.20
N LEU C 283 19.22 1.72 -31.94
CA LEU C 283 20.35 2.44 -31.35
C LEU C 283 21.20 3.04 -32.43
N THR C 284 21.95 4.08 -32.06
CA THR C 284 22.86 4.64 -33.06
C THR C 284 23.95 3.62 -33.33
N THR C 285 24.87 3.87 -34.26
CA THR C 285 25.96 2.94 -34.53
C THR C 285 26.95 2.96 -33.37
N ASP C 286 27.21 4.14 -32.79
CA ASP C 286 28.14 4.13 -31.66
C ASP C 286 27.56 3.36 -30.47
N GLU C 287 26.29 3.53 -30.23
CA GLU C 287 25.57 2.85 -29.18
C GLU C 287 25.60 1.36 -29.46
N GLN C 288 25.33 0.96 -30.69
CA GLN C 288 25.34 -0.42 -31.09
C GLN C 288 26.73 -1.02 -30.87
N GLU C 289 27.77 -0.25 -31.15
CA GLU C 289 29.15 -0.62 -30.99
C GLU C 289 29.47 -0.86 -29.54
N LYS C 290 29.05 0.05 -28.66
CA LYS C 290 29.30 -0.13 -27.22
C LYS C 290 28.57 -1.34 -26.67
N LEU C 291 27.41 -1.63 -27.22
CA LEU C 291 26.62 -2.78 -26.78
C LEU C 291 27.42 -4.05 -27.01
N LEU C 292 28.02 -4.14 -28.21
CA LEU C 292 28.79 -5.34 -28.55
C LEU C 292 30.09 -5.42 -27.79
N GLN C 293 30.72 -4.32 -27.47
CA GLN C 293 31.92 -4.32 -26.66
C GLN C 293 31.63 -4.95 -25.29
N SER C 294 30.50 -4.56 -24.69
CA SER C 294 29.99 -5.01 -23.44
C SER C 294 29.77 -6.53 -23.44
N ARG C 295 29.14 -7.00 -24.51
CA ARG C 295 28.85 -8.40 -24.73
C ARG C 295 30.12 -9.25 -24.78
N ASP C 296 31.16 -8.77 -25.43
CA ASP C 296 32.46 -9.39 -25.58
C ASP C 296 33.06 -9.41 -24.17
N TYR C 297 33.01 -8.32 -23.42
CA TYR C 297 33.56 -8.42 -22.07
C TYR C 297 32.87 -9.49 -21.26
N ILE C 298 31.56 -9.50 -21.18
CA ILE C 298 30.82 -10.54 -20.41
C ILE C 298 31.16 -11.93 -20.90
N GLN C 299 31.34 -12.15 -22.17
CA GLN C 299 31.70 -13.46 -22.72
C GLN C 299 33.06 -13.92 -22.15
N GLN C 300 34.07 -13.05 -22.23
CA GLN C 300 35.40 -13.32 -21.75
C GLN C 300 35.35 -13.71 -20.27
N ARG C 301 34.76 -12.84 -19.45
CA ARG C 301 34.67 -13.11 -18.01
C ARG C 301 33.86 -14.35 -17.70
N PHE C 302 32.84 -14.67 -18.50
CA PHE C 302 32.09 -15.89 -18.26
C PHE C 302 32.92 -17.14 -18.57
N ASP C 303 33.58 -17.21 -19.72
CA ASP C 303 34.43 -18.34 -20.10
C ASP C 303 35.47 -18.58 -19.02
N GLU C 304 36.08 -17.48 -18.61
CA GLU C 304 37.08 -17.52 -17.56
C GLU C 304 36.53 -18.14 -16.29
N ILE C 305 35.43 -17.77 -15.71
CA ILE C 305 34.92 -18.34 -14.47
C ILE C 305 34.28 -19.68 -14.65
N VAL C 306 33.63 -19.96 -15.78
CA VAL C 306 33.03 -21.28 -15.97
C VAL C 306 34.13 -22.34 -16.01
N ASP C 307 35.37 -22.00 -16.35
CA ASP C 307 36.50 -22.90 -16.43
C ASP C 307 37.03 -23.28 -15.06
N THR C 308 36.58 -22.72 -13.98
CA THR C 308 37.04 -23.05 -12.65
C THR C 308 36.00 -23.91 -11.94
N LEU C 309 34.96 -24.27 -12.65
CA LEU C 309 33.90 -25.08 -12.05
C LEU C 309 34.47 -26.47 -11.73
N ALA D 1 -0.36 16.77 7.53
CA ALA D 1 -1.26 15.66 7.18
C ALA D 1 -1.82 15.86 5.81
N ARG D 2 -2.48 14.89 5.21
CA ARG D 2 -3.05 15.01 3.89
C ARG D 2 -4.57 15.18 4.01
N LYS D 3 -5.14 16.18 3.36
CA LYS D 3 -6.57 16.39 3.42
C LYS D 3 -7.07 16.54 2.00
N ILE D 4 -8.11 15.80 1.66
CA ILE D 4 -8.71 15.88 0.34
C ILE D 4 -10.19 16.13 0.44
N GLY D 5 -10.74 17.08 -0.37
CA GLY D 5 -12.16 17.31 -0.38
C GLY D 5 -12.72 16.74 -1.69
N ILE D 6 -13.93 16.19 -1.63
CA ILE D 6 -14.56 15.67 -2.85
C ILE D 6 -15.93 16.32 -2.98
N ILE D 7 -16.20 16.97 -4.09
CA ILE D 7 -17.49 17.62 -4.32
C ILE D 7 -18.30 16.80 -5.29
N GLY D 8 -19.39 16.21 -4.79
CA GLY D 8 -20.24 15.37 -5.62
C GLY D 8 -19.86 13.91 -5.36
N LEU D 9 -20.60 13.27 -4.46
CA LEU D 9 -20.43 11.88 -4.09
C LEU D 9 -21.37 10.97 -4.85
N GLY D 10 -21.28 11.02 -6.17
CA GLY D 10 -22.11 10.15 -7.01
C GLY D 10 -21.26 8.92 -7.36
N ASN D 11 -21.58 8.26 -8.47
CA ASN D 11 -20.84 7.09 -8.91
C ASN D 11 -19.36 7.40 -8.95
N VAL D 12 -18.93 8.42 -9.60
CA VAL D 12 -17.54 8.79 -9.73
C VAL D 12 -16.96 9.24 -8.40
N GLY D 13 -17.58 10.16 -7.71
CA GLY D 13 -17.07 10.66 -6.44
C GLY D 13 -16.88 9.59 -5.39
N ALA D 14 -17.80 8.65 -5.27
CA ALA D 14 -17.70 7.56 -4.30
C ALA D 14 -16.60 6.58 -4.72
N ALA D 15 -16.32 6.35 -6.00
CA ALA D 15 -15.26 5.49 -6.48
C ALA D 15 -13.94 6.16 -6.14
N VAL D 16 -13.82 7.47 -6.24
CA VAL D 16 -12.63 8.22 -5.90
C VAL D 16 -12.36 8.12 -4.40
N ALA D 17 -13.40 8.26 -3.59
CA ALA D 17 -13.26 8.17 -2.12
C ALA D 17 -12.85 6.73 -1.71
N HIS D 18 -13.47 5.73 -2.29
CA HIS D 18 -13.14 4.35 -1.95
C HIS D 18 -11.72 4.01 -2.35
N GLY D 19 -11.27 4.39 -3.54
CA GLY D 19 -9.90 4.19 -3.98
C GLY D 19 -8.86 4.82 -3.07
N LEU D 20 -9.13 5.99 -2.54
CA LEU D 20 -8.21 6.69 -1.66
C LEU D 20 -8.23 6.05 -0.28
N ILE D 21 -9.43 5.74 0.20
CA ILE D 21 -9.61 5.12 1.52
C ILE D 21 -9.13 3.68 1.60
N ALA D 22 -9.21 2.87 0.56
CA ALA D 22 -8.76 1.49 0.54
C ALA D 22 -7.24 1.50 0.65
N GLN D 23 -6.55 2.52 0.16
CA GLN D 23 -5.09 2.61 0.29
C GLN D 23 -4.72 3.53 1.46
N GLY D 24 -5.64 4.14 2.17
CA GLY D 24 -5.16 5.04 3.28
C GLY D 24 -4.36 6.18 2.73
N VAL D 25 -4.69 6.76 1.57
CA VAL D 25 -3.88 7.86 1.01
C VAL D 25 -3.98 9.13 1.82
N ALA D 26 -5.15 9.55 2.27
CA ALA D 26 -5.28 10.79 3.04
C ALA D 26 -5.68 10.54 4.47
N ASP D 27 -5.47 11.51 5.32
CA ASP D 27 -5.81 11.40 6.73
C ASP D 27 -7.21 11.94 7.00
N ASP D 28 -7.57 13.02 6.29
CA ASP D 28 -8.84 13.70 6.46
C ASP D 28 -9.52 13.84 5.12
N TYR D 29 -10.84 13.60 5.11
CA TYR D 29 -11.64 13.68 3.90
C TYR D 29 -12.84 14.58 4.15
N VAL D 30 -13.20 15.43 3.21
CA VAL D 30 -14.36 16.32 3.27
C VAL D 30 -15.25 15.97 2.09
N PHE D 31 -16.44 15.43 2.34
CA PHE D 31 -17.38 15.05 1.31
C PHE D 31 -18.47 16.13 1.23
N ILE D 32 -18.74 16.65 0.04
CA ILE D 32 -19.78 17.70 -0.13
C ILE D 32 -20.73 17.24 -1.19
N ASP D 33 -22.01 17.11 -0.82
CA ASP D 33 -22.98 16.66 -1.79
C ASP D 33 -24.32 17.33 -1.46
N ALA D 34 -25.07 17.65 -2.51
CA ALA D 34 -26.35 18.35 -2.34
C ALA D 34 -27.36 17.46 -1.63
N ASN D 35 -27.28 16.18 -1.90
CA ASN D 35 -28.15 15.19 -1.27
C ASN D 35 -27.56 14.75 0.07
N GLU D 36 -28.09 15.30 1.14
CA GLU D 36 -27.64 15.03 2.49
C GLU D 36 -27.72 13.55 2.86
N ALA D 37 -28.76 12.84 2.45
CA ALA D 37 -28.94 11.44 2.79
C ALA D 37 -27.92 10.57 2.07
N LYS D 38 -27.62 10.83 0.82
CA LYS D 38 -26.66 10.02 0.08
C LYS D 38 -25.29 10.24 0.71
N VAL D 39 -24.81 11.45 0.88
CA VAL D 39 -23.50 11.69 1.48
C VAL D 39 -23.40 11.18 2.91
N LYS D 40 -24.48 11.15 3.66
CA LYS D 40 -24.51 10.68 5.02
C LYS D 40 -24.43 9.15 5.09
N ALA D 41 -25.06 8.47 4.14
CA ALA D 41 -25.05 7.04 4.00
C ALA D 41 -23.63 6.58 3.69
N ASP D 42 -22.96 7.22 2.72
CA ASP D 42 -21.58 6.91 2.36
C ASP D 42 -20.67 7.17 3.53
N GLN D 43 -20.78 8.26 4.22
CA GLN D 43 -19.95 8.52 5.38
C GLN D 43 -20.08 7.41 6.40
N ILE D 44 -21.26 6.97 6.73
CA ILE D 44 -21.49 5.91 7.71
C ILE D 44 -20.98 4.56 7.19
N ASP D 45 -21.13 4.27 5.94
CA ASP D 45 -20.67 3.07 5.29
C ASP D 45 -19.14 3.00 5.35
N PHE D 46 -18.46 4.11 5.01
CA PHE D 46 -17.01 4.13 5.12
C PHE D 46 -16.58 4.09 6.59
N GLN D 47 -17.35 4.66 7.51
CA GLN D 47 -16.95 4.61 8.92
C GLN D 47 -17.18 3.18 9.46
N ASP D 48 -18.07 2.41 8.87
CA ASP D 48 -18.29 1.02 9.24
C ASP D 48 -17.12 0.14 8.74
N ALA D 49 -16.46 0.57 7.67
CA ALA D 49 -15.32 -0.11 7.11
C ALA D 49 -14.09 0.19 7.95
N MET D 50 -13.89 1.29 8.61
CA MET D 50 -12.71 1.57 9.39
C MET D 50 -12.36 0.50 10.37
N ALA D 51 -13.24 -0.19 11.07
CA ALA D 51 -12.75 -1.23 12.00
C ALA D 51 -12.03 -2.37 11.27
N ASN D 52 -12.24 -2.67 10.03
CA ASN D 52 -11.61 -3.75 9.32
C ASN D 52 -10.63 -3.25 8.25
N LEU D 53 -10.24 -1.99 8.24
CA LEU D 53 -9.31 -1.44 7.28
C LEU D 53 -7.97 -1.29 7.99
N GLU D 54 -6.91 -1.26 7.19
CA GLU D 54 -5.58 -1.13 7.71
C GLU D 54 -5.22 0.30 8.03
N ALA D 55 -5.72 1.27 7.27
CA ALA D 55 -5.36 2.67 7.59
C ALA D 55 -6.59 3.44 8.02
N HIS D 56 -6.39 4.45 8.84
CA HIS D 56 -7.47 5.29 9.34
C HIS D 56 -7.66 6.57 8.54
N GLY D 57 -8.90 7.00 8.45
CA GLY D 57 -9.25 8.24 7.76
C GLY D 57 -10.46 8.87 8.47
N ASN D 58 -10.44 10.19 8.58
CA ASN D 58 -11.53 10.94 9.19
C ASN D 58 -12.39 11.52 8.09
N ILE D 59 -13.70 11.44 8.21
CA ILE D 59 -14.61 11.92 7.15
C ILE D 59 -15.63 12.92 7.72
N VAL D 60 -15.65 14.13 7.14
CA VAL D 60 -16.66 15.12 7.55
C VAL D 60 -17.47 15.45 6.25
N ILE D 61 -18.74 15.73 6.42
CA ILE D 61 -19.59 16.00 5.26
C ILE D 61 -20.15 17.42 5.31
N ASN D 62 -20.42 17.98 4.14
CA ASN D 62 -21.01 19.25 3.87
C ASN D 62 -20.57 20.38 4.77
N ASP D 63 -19.26 20.53 4.94
CA ASP D 63 -18.70 21.60 5.80
C ASP D 63 -17.65 22.31 4.93
N TRP D 64 -18.03 23.41 4.32
CA TRP D 64 -17.16 24.16 3.44
C TRP D 64 -15.96 24.74 4.12
N ALA D 65 -16.06 25.16 5.36
CA ALA D 65 -14.96 25.76 6.10
C ALA D 65 -13.84 24.75 6.23
N ALA D 66 -14.13 23.44 6.24
CA ALA D 66 -13.18 22.37 6.37
C ALA D 66 -12.28 22.25 5.18
N LEU D 67 -12.62 22.82 4.04
CA LEU D 67 -11.80 22.78 2.83
C LEU D 67 -10.63 23.77 2.84
N ALA D 68 -10.55 24.66 3.78
CA ALA D 68 -9.59 25.72 3.90
C ALA D 68 -8.16 25.20 3.75
N ASP D 69 -7.86 24.16 4.50
CA ASP D 69 -6.49 23.61 4.43
C ASP D 69 -6.42 22.30 3.67
N ALA D 70 -7.37 21.99 2.78
CA ALA D 70 -7.32 20.80 1.98
C ALA D 70 -6.17 20.91 0.98
N ASP D 71 -5.49 19.79 0.73
CA ASP D 71 -4.39 19.82 -0.23
C ASP D 71 -4.97 19.86 -1.64
N VAL D 72 -6.01 19.07 -1.87
CA VAL D 72 -6.58 18.90 -3.19
C VAL D 72 -8.08 18.84 -3.12
N VAL D 73 -8.84 19.35 -4.09
CA VAL D 73 -10.31 19.20 -4.02
C VAL D 73 -10.65 18.60 -5.36
N ILE D 74 -11.48 17.60 -5.39
CA ILE D 74 -11.82 16.95 -6.66
C ILE D 74 -13.30 17.22 -6.87
N SER D 75 -13.62 17.80 -8.02
CA SER D 75 -15.01 18.11 -8.32
C SER D 75 -15.53 17.15 -9.35
N THR D 76 -16.60 16.44 -9.03
CA THR D 76 -17.16 15.47 -9.98
C THR D 76 -18.52 15.96 -10.47
N LEU D 77 -18.81 17.24 -10.41
CA LEU D 77 -20.07 17.82 -10.86
C LEU D 77 -20.05 18.05 -12.36
N GLY D 78 -21.20 17.90 -12.97
CA GLY D 78 -21.30 18.13 -14.44
C GLY D 78 -22.76 18.16 -14.90
N GLY D 89 -34.52 26.50 -25.39
CA GLY D 89 -35.41 25.93 -24.36
C GLY D 89 -34.54 25.10 -23.41
N ASP D 90 -34.50 23.80 -23.65
CA ASP D 90 -33.74 22.84 -22.88
C ASP D 90 -32.25 23.10 -22.78
N ARG D 91 -31.55 23.13 -23.89
CA ARG D 91 -30.11 23.35 -24.03
C ARG D 91 -29.67 24.63 -23.32
N PHE D 92 -30.41 25.72 -23.54
CA PHE D 92 -30.14 27.00 -22.91
C PHE D 92 -30.42 26.83 -21.41
N ALA D 93 -31.57 26.22 -21.12
CA ALA D 93 -31.95 25.96 -19.71
C ALA D 93 -30.81 25.20 -19.02
N GLU D 94 -30.37 24.06 -19.56
CA GLU D 94 -29.27 23.28 -19.01
C GLU D 94 -28.01 24.09 -18.89
N LEU D 95 -27.61 24.84 -19.90
CA LEU D 95 -26.41 25.64 -19.80
C LEU D 95 -26.48 26.60 -18.63
N LYS D 96 -27.66 27.20 -18.44
CA LYS D 96 -27.92 28.17 -17.41
C LYS D 96 -27.82 27.55 -16.03
N PHE D 97 -28.45 26.41 -15.82
CA PHE D 97 -28.38 25.72 -14.54
C PHE D 97 -26.98 25.22 -14.25
N THR D 98 -26.29 24.75 -15.28
CA THR D 98 -24.90 24.30 -15.16
C THR D 98 -23.99 25.44 -14.82
N SER D 99 -24.14 26.58 -15.54
CA SER D 99 -23.21 27.67 -15.21
C SER D 99 -23.53 28.18 -13.80
N SER D 100 -24.77 28.19 -13.42
CA SER D 100 -25.17 28.64 -12.08
C SER D 100 -24.54 27.75 -11.03
N MET D 101 -24.63 26.43 -11.22
CA MET D 101 -24.07 25.45 -10.29
C MET D 101 -22.58 25.64 -10.12
N VAL D 102 -21.85 25.85 -11.22
CA VAL D 102 -20.41 26.05 -11.14
C VAL D 102 -20.09 27.33 -10.39
N GLN D 103 -20.94 28.36 -10.55
CA GLN D 103 -20.69 29.60 -9.83
C GLN D 103 -20.93 29.52 -8.33
N SER D 104 -21.97 28.77 -7.95
CA SER D 104 -22.31 28.64 -6.53
C SER D 104 -21.23 27.84 -5.81
N VAL D 105 -20.85 26.71 -6.45
CA VAL D 105 -19.80 25.83 -5.89
C VAL D 105 -18.48 26.58 -5.90
N GLY D 106 -18.13 27.18 -7.03
CA GLY D 106 -16.89 27.93 -7.15
C GLY D 106 -16.76 29.02 -6.14
N THR D 107 -17.87 29.77 -5.87
CA THR D 107 -17.86 30.87 -4.90
C THR D 107 -17.67 30.38 -3.48
N ASN D 108 -18.39 29.35 -3.11
CA ASN D 108 -18.28 28.78 -1.77
C ASN D 108 -16.88 28.21 -1.58
N LEU D 109 -16.34 27.57 -2.63
CA LEU D 109 -14.98 27.03 -2.56
C LEU D 109 -13.98 28.15 -2.36
N LYS D 110 -14.13 29.22 -3.14
CA LYS D 110 -13.21 30.36 -3.01
C LYS D 110 -13.33 30.98 -1.65
N GLU D 111 -14.54 31.14 -1.13
CA GLU D 111 -14.76 31.75 0.18
C GLU D 111 -14.28 30.91 1.33
N SER D 112 -14.18 29.60 1.20
CA SER D 112 -13.68 28.69 2.24
C SER D 112 -12.27 28.95 2.68
N GLY D 113 -11.42 29.49 1.84
CA GLY D 113 -10.04 29.81 2.10
C GLY D 113 -9.15 28.78 1.42
N PHE D 114 -9.75 27.81 0.78
CA PHE D 114 -9.05 26.75 0.09
C PHE D 114 -8.02 27.36 -0.81
N HIS D 115 -6.81 26.79 -0.88
CA HIS D 115 -5.81 27.38 -1.76
C HIS D 115 -4.86 26.33 -2.30
N GLY D 116 -5.35 25.12 -2.47
CA GLY D 116 -4.68 23.98 -2.99
C GLY D 116 -4.95 23.84 -4.47
N VAL D 117 -4.97 22.65 -4.99
CA VAL D 117 -5.16 22.39 -6.40
C VAL D 117 -6.56 21.81 -6.58
N LEU D 118 -7.26 22.30 -7.62
CA LEU D 118 -8.61 21.81 -7.89
C LEU D 118 -8.54 20.91 -9.11
N VAL D 119 -8.98 19.66 -8.95
CA VAL D 119 -9.02 18.72 -10.06
C VAL D 119 -10.46 18.55 -10.46
N VAL D 120 -10.74 18.73 -11.75
CA VAL D 120 -12.13 18.67 -12.19
C VAL D 120 -12.38 17.49 -13.09
N ILE D 121 -13.42 16.75 -12.74
CA ILE D 121 -13.93 15.61 -13.46
C ILE D 121 -15.32 16.09 -13.91
N SER D 122 -15.58 16.14 -15.17
CA SER D 122 -16.87 16.63 -15.65
C SER D 122 -17.02 16.32 -17.11
N ASN D 123 -17.99 16.98 -17.68
CA ASN D 123 -18.19 16.77 -19.14
C ASN D 123 -19.12 17.88 -19.57
N PRO D 124 -18.62 18.77 -20.43
CA PRO D 124 -17.30 18.74 -21.00
C PRO D 124 -16.27 19.22 -20.00
N VAL D 125 -15.33 18.35 -19.67
CA VAL D 125 -14.30 18.67 -18.65
C VAL D 125 -13.47 19.86 -18.97
N ASP D 126 -13.09 20.15 -20.21
CA ASP D 126 -12.23 21.33 -20.49
C ASP D 126 -13.01 22.61 -20.27
N VAL D 127 -14.26 22.66 -20.75
CA VAL D 127 -15.12 23.84 -20.61
C VAL D 127 -15.43 24.14 -19.15
N ILE D 128 -15.86 23.09 -18.42
CA ILE D 128 -16.19 23.24 -16.99
C ILE D 128 -14.94 23.57 -16.21
N THR D 129 -13.75 23.06 -16.54
CA THR D 129 -12.52 23.41 -15.86
C THR D 129 -12.26 24.91 -16.03
N ALA D 130 -12.37 25.39 -17.26
CA ALA D 130 -12.13 26.82 -17.54
C ALA D 130 -13.15 27.72 -16.87
N LEU D 131 -14.40 27.30 -16.77
CA LEU D 131 -15.50 27.99 -16.10
C LEU D 131 -15.23 28.12 -14.61
N PHE D 132 -14.78 27.04 -13.96
CA PHE D 132 -14.39 27.04 -12.55
C PHE D 132 -13.23 27.97 -12.30
N GLN D 133 -12.29 28.00 -13.27
CA GLN D 133 -11.12 28.89 -13.13
C GLN D 133 -11.60 30.32 -13.15
N HIS D 134 -12.50 30.54 -14.09
CA HIS D 134 -13.13 31.85 -14.31
C HIS D 134 -13.89 32.36 -13.09
N VAL D 135 -14.73 31.53 -12.48
CA VAL D 135 -15.53 31.88 -11.34
C VAL D 135 -14.75 31.99 -10.05
N THR D 136 -13.80 31.09 -9.78
CA THR D 136 -13.03 31.11 -8.54
C THR D 136 -12.00 32.21 -8.50
N GLY D 137 -11.40 32.45 -9.68
CA GLY D 137 -10.34 33.46 -9.76
C GLY D 137 -9.01 32.84 -9.36
N PHE D 138 -8.97 31.52 -9.16
CA PHE D 138 -7.73 30.82 -8.80
C PHE D 138 -6.78 30.87 -9.99
N PRO D 139 -5.48 30.94 -9.75
CA PRO D 139 -4.51 30.92 -10.81
C PRO D 139 -4.76 29.73 -11.70
N ALA D 140 -4.72 29.86 -13.03
CA ALA D 140 -5.00 28.74 -13.92
C ALA D 140 -4.18 27.51 -13.64
N HIS D 141 -2.94 27.65 -13.23
CA HIS D 141 -2.07 26.50 -12.91
C HIS D 141 -2.61 25.77 -11.71
N LYS D 142 -3.54 26.27 -10.92
CA LYS D 142 -4.04 25.54 -9.78
C LYS D 142 -5.38 24.93 -10.08
N VAL D 143 -5.83 25.04 -11.30
CA VAL D 143 -7.14 24.47 -11.69
C VAL D 143 -6.93 23.61 -12.90
N ILE D 144 -7.07 22.28 -12.74
CA ILE D 144 -6.84 21.36 -13.87
C ILE D 144 -7.94 20.33 -13.96
N GLY D 145 -8.12 19.80 -15.14
CA GLY D 145 -9.16 18.77 -15.33
C GLY D 145 -8.47 17.46 -15.67
N THR D 146 -9.14 16.35 -15.49
CA THR D 146 -8.52 15.04 -15.85
C THR D 146 -8.33 14.98 -17.34
N GLY D 147 -9.16 15.64 -18.15
CA GLY D 147 -8.97 15.67 -19.59
C GLY D 147 -8.86 14.33 -20.23
N THR D 148 -7.83 14.19 -21.07
CA THR D 148 -7.62 12.93 -21.80
C THR D 148 -6.74 11.92 -21.10
N LEU D 149 -6.48 12.09 -19.79
CA LEU D 149 -5.75 11.12 -19.01
C LEU D 149 -6.57 9.81 -19.07
N LEU D 150 -7.89 9.86 -19.08
CA LEU D 150 -8.66 8.63 -19.19
C LEU D 150 -8.62 8.11 -20.60
N ASP D 151 -8.60 8.96 -21.62
CA ASP D 151 -8.57 8.42 -23.00
C ASP D 151 -7.20 7.84 -23.32
N THR D 152 -6.15 8.41 -22.76
CA THR D 152 -4.81 7.88 -22.93
C THR D 152 -4.72 6.48 -22.36
N ALA D 153 -5.24 6.26 -21.17
CA ALA D 153 -5.28 5.00 -20.47
C ALA D 153 -6.07 4.01 -21.30
N ARG D 154 -7.08 4.37 -22.05
CA ARG D 154 -7.86 3.48 -22.87
C ARG D 154 -7.06 3.12 -24.12
N MET D 155 -6.30 4.07 -24.65
CA MET D 155 -5.45 3.81 -25.81
C MET D 155 -4.38 2.82 -25.36
N GLN D 156 -3.81 3.04 -24.19
CA GLN D 156 -2.83 2.12 -23.61
C GLN D 156 -3.47 0.75 -23.40
N ARG D 157 -4.69 0.59 -22.98
CA ARG D 157 -5.34 -0.68 -22.80
C ARG D 157 -5.48 -1.44 -24.13
N ALA D 158 -5.97 -0.70 -25.13
CA ALA D 158 -6.17 -1.26 -26.47
C ALA D 158 -4.84 -1.61 -27.09
N VAL D 159 -3.82 -0.78 -27.10
CA VAL D 159 -2.52 -1.17 -27.65
C VAL D 159 -1.92 -2.32 -26.86
N GLY D 160 -2.03 -2.30 -25.55
CA GLY D 160 -1.53 -3.30 -24.65
C GLY D 160 -2.19 -4.62 -24.98
N GLU D 161 -3.53 -4.67 -25.10
CA GLU D 161 -4.18 -5.91 -25.48
C GLU D 161 -3.70 -6.29 -26.88
N ALA D 162 -3.45 -5.40 -27.81
CA ALA D 162 -2.96 -5.72 -29.12
C ALA D 162 -1.62 -6.43 -29.11
N PHE D 163 -0.63 -5.94 -28.37
CA PHE D 163 0.70 -6.51 -28.30
C PHE D 163 0.93 -7.37 -27.08
N ASP D 164 -0.10 -7.74 -26.36
CA ASP D 164 -0.06 -8.55 -25.15
C ASP D 164 0.98 -8.00 -24.19
N LEU D 165 0.85 -6.71 -23.86
CA LEU D 165 1.70 -5.96 -22.98
C LEU D 165 0.95 -5.31 -21.81
N ASP D 166 1.78 -4.82 -20.90
CA ASP D 166 1.34 -4.10 -19.72
C ASP D 166 1.02 -2.71 -20.25
N PRO D 167 -0.21 -2.28 -20.01
CA PRO D 167 -0.63 -0.95 -20.46
C PRO D 167 0.33 0.10 -20.01
N ARG D 168 0.96 0.04 -18.84
CA ARG D 168 1.93 0.99 -18.35
C ARG D 168 3.18 1.05 -19.20
N SER D 169 3.45 0.04 -20.01
CA SER D 169 4.64 0.01 -20.86
C SER D 169 4.42 0.68 -22.22
N VAL D 170 3.18 1.07 -22.51
CA VAL D 170 2.81 1.78 -23.73
C VAL D 170 2.91 3.27 -23.48
N SER D 171 3.78 3.90 -24.26
CA SER D 171 3.94 5.36 -24.05
C SER D 171 3.10 6.05 -25.11
N GLY D 172 3.03 7.36 -24.99
CA GLY D 172 2.21 8.14 -25.94
C GLY D 172 1.01 8.75 -25.30
N TYR D 173 0.29 9.64 -26.03
CA TYR D 173 -0.87 10.31 -25.49
C TYR D 173 -1.98 10.58 -26.47
N ASN D 174 -3.10 10.87 -25.84
CA ASN D 174 -4.34 11.29 -26.47
C ASN D 174 -4.40 12.80 -26.14
N LEU D 175 -4.52 13.63 -27.17
CA LEU D 175 -4.54 15.07 -26.91
C LEU D 175 -5.88 15.67 -27.30
N GLY D 176 -6.05 16.91 -26.87
CA GLY D 176 -7.24 17.63 -27.19
C GLY D 176 -8.39 17.75 -26.25
N GLU D 177 -9.59 17.70 -26.81
CA GLU D 177 -10.84 17.83 -26.12
C GLU D 177 -11.47 16.53 -25.71
N HIS D 178 -11.52 16.28 -24.39
CA HIS D 178 -12.13 15.08 -23.89
C HIS D 178 -13.63 15.07 -24.23
N GLY D 179 -14.05 13.98 -24.86
CA GLY D 179 -15.47 13.91 -25.18
C GLY D 179 -15.79 14.09 -26.63
N ASN D 180 -14.95 14.67 -27.47
CA ASN D 180 -15.36 14.74 -28.90
C ASN D 180 -14.15 14.82 -29.77
N SER D 181 -13.56 15.97 -30.03
CA SER D 181 -12.40 16.05 -30.90
C SER D 181 -11.04 15.60 -30.37
N GLN D 182 -10.90 14.77 -29.34
CA GLN D 182 -9.56 14.37 -28.90
C GLN D 182 -9.09 13.24 -29.84
N PHE D 183 -7.79 13.18 -30.00
CA PHE D 183 -7.18 12.23 -30.91
C PHE D 183 -5.93 11.57 -30.33
N VAL D 184 -5.62 10.38 -30.88
CA VAL D 184 -4.39 9.71 -30.43
C VAL D 184 -3.24 10.38 -31.16
N ALA D 185 -2.27 10.92 -30.43
CA ALA D 185 -1.11 11.49 -31.12
C ALA D 185 -0.22 10.29 -31.40
N TRP D 186 -0.49 9.49 -32.44
CA TRP D 186 0.23 8.28 -32.79
C TRP D 186 1.69 8.55 -32.91
N SER D 187 2.15 9.70 -33.36
CA SER D 187 3.57 9.95 -33.41
C SER D 187 4.20 9.93 -32.04
N THR D 188 3.54 9.85 -30.92
CA THR D 188 4.14 9.80 -29.60
C THR D 188 4.06 8.38 -29.00
N VAL D 189 3.29 7.48 -29.56
CA VAL D 189 3.12 6.13 -29.01
C VAL D 189 4.24 5.19 -29.40
N ARG D 190 4.88 4.61 -28.38
CA ARG D 190 5.95 3.67 -28.54
C ARG D 190 5.61 2.38 -27.79
N VAL D 191 5.91 1.26 -28.44
CA VAL D 191 5.73 -0.06 -27.91
C VAL D 191 6.98 -0.91 -28.15
N MET D 192 7.52 -1.52 -27.10
CA MET D 192 8.69 -2.37 -27.20
C MET D 192 9.90 -1.78 -27.90
N GLY D 193 10.21 -0.55 -27.58
CA GLY D 193 11.31 0.22 -28.10
C GLY D 193 11.13 0.83 -29.46
N GLN D 194 10.07 0.53 -30.15
CA GLN D 194 9.77 0.99 -31.49
C GLN D 194 8.54 1.89 -31.55
N PRO D 195 8.68 2.96 -32.33
CA PRO D 195 7.56 3.88 -32.56
C PRO D 195 6.46 3.08 -33.21
N ILE D 196 5.24 3.06 -32.70
CA ILE D 196 4.20 2.22 -33.31
C ILE D 196 3.91 2.55 -34.74
N VAL D 197 4.12 3.75 -35.27
CA VAL D 197 3.81 4.05 -36.68
C VAL D 197 4.63 3.12 -37.57
N THR D 198 5.96 2.98 -37.31
CA THR D 198 6.78 2.08 -38.12
C THR D 198 6.21 0.70 -38.03
N LEU D 199 5.81 0.17 -36.87
CA LEU D 199 5.24 -1.18 -36.82
C LEU D 199 3.97 -1.27 -37.65
N ALA D 200 3.28 -0.21 -37.88
CA ALA D 200 2.07 -0.11 -38.67
C ALA D 200 2.46 -0.13 -40.15
N ASP D 201 3.59 0.50 -40.50
CA ASP D 201 4.07 0.47 -41.87
C ASP D 201 4.33 -1.03 -42.25
N ALA D 202 4.82 -1.84 -41.33
CA ALA D 202 5.02 -3.26 -41.56
C ALA D 202 3.67 -3.97 -41.68
N ILE D 205 0.09 -4.21 -37.86
CA ILE D 205 -0.86 -3.60 -36.89
C ILE D 205 -1.67 -2.49 -37.51
N ASP D 206 -2.98 -2.48 -37.25
CA ASP D 206 -3.93 -1.48 -37.78
C ASP D 206 -4.30 -0.46 -36.71
N LEU D 207 -3.62 0.68 -36.72
CA LEU D 207 -3.85 1.74 -35.76
C LEU D 207 -5.29 2.18 -35.71
N ALA D 208 -5.94 2.30 -36.86
CA ALA D 208 -7.35 2.74 -36.96
C ALA D 208 -8.24 1.83 -36.14
N ALA D 209 -8.02 0.51 -36.27
CA ALA D 209 -8.76 -0.48 -35.53
C ALA D 209 -8.48 -0.29 -34.04
N ILE D 210 -7.20 -0.07 -33.70
CA ILE D 210 -6.83 0.15 -32.30
C ILE D 210 -7.56 1.39 -31.78
N GLU D 211 -7.50 2.50 -32.52
CA GLU D 211 -8.18 3.72 -32.11
C GLU D 211 -9.66 3.41 -31.89
N GLU D 212 -10.30 2.65 -32.78
CA GLU D 212 -11.70 2.31 -32.64
C GLU D 212 -11.96 1.42 -31.44
N GLU D 213 -11.09 0.45 -31.21
CA GLU D 213 -11.23 -0.46 -30.08
C GLU D 213 -11.29 0.28 -28.76
N ALA D 214 -10.37 1.22 -28.61
CA ALA D 214 -10.33 2.03 -27.41
C ALA D 214 -11.67 2.69 -27.17
N ARG D 215 -12.22 3.35 -28.18
CA ARG D 215 -13.51 4.04 -28.09
C ARG D 215 -14.67 3.09 -27.80
N LYS D 216 -14.70 1.98 -28.52
CA LYS D 216 -15.75 0.99 -28.32
C LYS D 216 -15.87 0.56 -26.87
N GLY D 217 -14.72 0.34 -26.20
CA GLY D 217 -14.70 -0.04 -24.81
C GLY D 217 -15.49 0.90 -23.93
N GLY D 218 -15.29 2.21 -24.11
CA GLY D 218 -15.99 3.23 -23.34
C GLY D 218 -17.49 3.04 -23.50
N PHE D 219 -17.90 2.75 -24.74
CA PHE D 219 -19.30 2.51 -25.02
C PHE D 219 -19.75 1.20 -24.45
N THR D 220 -18.85 0.22 -24.35
CA THR D 220 -19.22 -1.06 -23.75
C THR D 220 -19.50 -0.87 -22.27
N VAL D 221 -18.71 -0.03 -21.61
CA VAL D 221 -18.86 0.26 -20.21
C VAL D 221 -20.16 1.02 -19.97
N LEU D 222 -20.42 2.07 -20.75
CA LEU D 222 -21.65 2.83 -20.56
C LEU D 222 -22.89 1.96 -20.76
N ASN D 223 -22.87 1.10 -21.78
CA ASN D 223 -24.05 0.26 -22.01
C ASN D 223 -24.20 -0.81 -20.97
N GLY D 224 -23.14 -1.37 -20.38
CA GLY D 224 -23.40 -2.41 -19.41
C GLY D 224 -23.69 -1.91 -18.01
N LYS D 225 -23.22 -0.72 -17.67
CA LYS D 225 -23.37 -0.19 -16.30
C LYS D 225 -24.13 1.10 -16.26
N GLY D 226 -24.10 1.84 -17.38
CA GLY D 226 -24.78 3.12 -17.51
C GLY D 226 -23.85 4.28 -17.21
N TYR D 227 -22.61 4.08 -16.85
CA TYR D 227 -21.67 5.11 -16.52
C TYR D 227 -20.30 4.45 -16.38
N THR D 228 -19.26 5.24 -16.28
CA THR D 228 -17.90 4.77 -16.09
C THR D 228 -17.43 5.36 -14.74
N SER D 229 -16.71 4.62 -13.93
CA SER D 229 -16.25 5.15 -12.66
C SER D 229 -14.79 4.88 -12.35
N TYR D 230 -14.38 3.60 -12.31
CA TYR D 230 -12.97 3.25 -11.96
C TYR D 230 -11.95 3.85 -12.85
N GLY D 231 -12.16 3.86 -14.16
CA GLY D 231 -11.21 4.42 -15.11
C GLY D 231 -10.90 5.85 -14.88
N VAL D 232 -11.96 6.71 -14.73
CA VAL D 232 -11.74 8.16 -14.50
C VAL D 232 -11.42 8.49 -13.07
N ALA D 233 -11.89 7.68 -12.12
CA ALA D 233 -11.61 7.93 -10.68
C ALA D 233 -10.13 7.76 -10.43
N THR D 234 -9.60 6.65 -11.02
CA THR D 234 -8.15 6.39 -10.86
C THR D 234 -7.33 7.46 -11.49
N SER D 235 -7.73 8.13 -12.58
CA SER D 235 -7.03 9.24 -13.17
C SER D 235 -6.91 10.40 -12.19
N ALA D 236 -8.00 10.72 -11.49
CA ALA D 236 -8.01 11.83 -10.54
C ALA D 236 -7.10 11.55 -9.37
N ILE D 237 -7.15 10.31 -8.89
CA ILE D 237 -6.31 9.86 -7.76
C ILE D 237 -4.84 10.00 -8.09
N ARG D 238 -4.43 9.60 -9.28
CA ARG D 238 -3.04 9.71 -9.70
C ARG D 238 -2.59 11.14 -9.73
N ILE D 239 -3.38 12.07 -10.26
CA ILE D 239 -3.07 13.49 -10.26
C ILE D 239 -3.01 14.01 -8.83
N ALA D 240 -3.95 13.60 -7.97
CA ALA D 240 -3.96 14.04 -6.57
C ALA D 240 -2.69 13.66 -5.86
N LYS D 241 -2.20 12.43 -6.04
CA LYS D 241 -0.95 12.00 -5.43
C LYS D 241 0.22 12.79 -5.94
N ALA D 242 0.30 13.07 -7.24
CA ALA D 242 1.41 13.86 -7.80
C ALA D 242 1.40 15.22 -7.17
N VAL D 243 0.20 15.78 -6.87
CA VAL D 243 0.15 17.08 -6.24
C VAL D 243 0.64 17.04 -4.82
N MET D 244 0.09 16.16 -3.97
CA MET D 244 0.52 16.15 -2.57
C MET D 244 1.97 15.79 -2.38
N ALA D 245 2.50 14.90 -3.24
CA ALA D 245 3.92 14.48 -3.12
C ALA D 245 4.83 15.45 -3.79
N ASP D 246 4.29 16.43 -4.51
CA ASP D 246 5.05 17.44 -5.23
C ASP D 246 6.02 16.72 -6.14
N ALA D 247 5.48 15.76 -6.88
CA ALA D 247 6.30 14.90 -7.71
C ALA D 247 6.98 15.49 -8.89
N HIS D 248 6.40 16.51 -9.51
CA HIS D 248 6.87 17.14 -10.75
C HIS D 248 6.78 16.06 -11.82
N ALA D 249 5.68 15.34 -11.81
CA ALA D 249 5.37 14.25 -12.70
C ALA D 249 4.75 14.73 -14.00
N GLU D 250 5.14 14.20 -15.12
CA GLU D 250 4.60 14.56 -16.41
C GLU D 250 3.33 13.75 -16.61
N LEU D 251 2.21 14.50 -16.66
CA LEU D 251 0.88 13.92 -16.82
C LEU D 251 0.08 14.71 -17.86
N VAL D 252 -0.75 13.99 -18.60
CA VAL D 252 -1.57 14.65 -19.60
C VAL D 252 -2.86 14.98 -18.87
N VAL D 253 -3.10 16.27 -18.64
CA VAL D 253 -4.27 16.80 -17.95
C VAL D 253 -4.81 17.99 -18.72
N SER D 254 -6.04 18.37 -18.43
CA SER D 254 -6.63 19.58 -19.10
C SER D 254 -6.00 20.79 -18.46
N ASN D 255 -5.13 21.51 -19.11
CA ASN D 255 -4.49 22.68 -18.53
C ASN D 255 -4.46 23.83 -19.54
N ARG D 256 -4.22 25.02 -19.07
CA ARG D 256 -4.23 26.15 -19.99
C ARG D 256 -2.84 26.63 -20.41
N ARG D 257 -2.54 26.36 -21.67
CA ARG D 257 -1.21 26.71 -22.19
C ARG D 257 -1.20 28.14 -22.71
N ASP D 258 -0.08 28.84 -22.57
CA ASP D 258 -0.02 30.22 -23.10
C ASP D 258 -0.24 30.22 -24.60
N ASP D 259 0.41 29.34 -25.33
CA ASP D 259 0.24 29.24 -26.76
C ASP D 259 -1.16 28.85 -27.15
N MET D 260 -1.97 28.24 -26.32
CA MET D 260 -3.32 27.91 -26.72
C MET D 260 -4.33 28.94 -26.18
N GLY D 261 -4.03 29.56 -25.04
CA GLY D 261 -4.89 30.51 -24.41
C GLY D 261 -6.23 29.98 -23.96
N MET D 262 -6.51 28.72 -23.88
CA MET D 262 -7.71 28.02 -23.50
C MET D 262 -7.32 26.61 -23.05
N TYR D 263 -8.09 26.06 -22.16
CA TYR D 263 -7.87 24.73 -21.63
C TYR D 263 -8.07 23.65 -22.68
N LEU D 264 -7.22 22.64 -22.58
CA LEU D 264 -7.31 21.43 -23.41
C LEU D 264 -6.26 20.43 -22.85
N SER D 265 -6.31 19.18 -23.26
CA SER D 265 -5.37 18.18 -22.75
C SER D 265 -4.06 18.13 -23.54
N TYR D 266 -2.99 18.33 -22.82
CA TYR D 266 -1.62 18.35 -23.31
C TYR D 266 -0.75 18.12 -22.09
N PRO D 267 0.21 17.22 -22.16
CA PRO D 267 1.06 16.88 -21.04
C PRO D 267 1.65 18.11 -20.36
N ALA D 268 1.84 18.04 -19.06
CA ALA D 268 2.43 19.11 -18.28
C ALA D 268 3.07 18.55 -17.01
N ILE D 269 3.92 19.32 -16.37
CA ILE D 269 4.58 18.91 -15.13
C ILE D 269 3.76 19.32 -13.93
N ILE D 270 3.27 18.35 -13.17
CA ILE D 270 2.41 18.54 -12.03
C ILE D 270 3.10 18.42 -10.71
N GLY D 271 2.87 19.36 -9.81
CA GLY D 271 3.53 19.36 -8.50
C GLY D 271 2.54 19.89 -7.48
N ARG D 272 2.98 20.26 -6.30
CA ARG D 272 2.15 20.70 -5.22
C ARG D 272 1.37 21.99 -5.51
N ASP D 273 1.96 22.84 -6.32
CA ASP D 273 1.37 24.05 -6.78
C ASP D 273 0.62 23.89 -8.08
N GLY D 274 0.30 22.72 -8.54
CA GLY D 274 -0.44 22.51 -9.79
C GLY D 274 0.50 22.33 -10.96
N VAL D 275 0.16 23.00 -12.06
CA VAL D 275 1.03 22.94 -13.24
C VAL D 275 2.27 23.80 -13.00
N LEU D 276 3.41 23.10 -13.01
CA LEU D 276 4.70 23.71 -12.77
C LEU D 276 5.40 24.03 -14.08
N ALA D 277 5.11 23.31 -15.14
CA ALA D 277 5.77 23.59 -16.43
C ALA D 277 5.04 22.88 -17.55
N GLU D 278 5.22 23.33 -18.78
CA GLU D 278 4.58 22.72 -19.94
C GLU D 278 5.52 21.78 -20.65
N THR D 279 5.03 20.90 -21.51
CA THR D 279 5.96 20.02 -22.24
C THR D 279 5.87 20.46 -23.69
N THR D 280 6.80 20.07 -24.53
CA THR D 280 6.81 20.42 -25.95
C THR D 280 6.89 19.12 -26.75
N LEU D 281 5.80 18.69 -27.32
CA LEU D 281 5.79 17.50 -28.14
C LEU D 281 6.09 17.94 -29.58
N ASP D 282 6.68 17.08 -30.38
CA ASP D 282 6.93 17.46 -31.78
C ASP D 282 5.80 16.79 -32.58
N LEU D 283 4.62 17.40 -32.58
CA LEU D 283 3.55 16.68 -33.30
C LEU D 283 3.73 16.87 -34.79
N THR D 284 3.06 16.00 -35.52
CA THR D 284 3.13 16.10 -36.99
C THR D 284 2.15 17.18 -37.40
N THR D 285 2.16 17.60 -38.66
CA THR D 285 1.25 18.66 -39.10
C THR D 285 -0.18 18.22 -38.95
N ASP D 286 -0.58 17.00 -39.21
CA ASP D 286 -1.99 16.66 -39.00
C ASP D 286 -2.39 16.78 -37.53
N GLU D 287 -1.50 16.34 -36.65
CA GLU D 287 -1.68 16.38 -35.23
C GLU D 287 -1.84 17.79 -34.72
N GLN D 288 -1.02 18.70 -35.20
CA GLN D 288 -1.08 20.10 -34.79
C GLN D 288 -2.40 20.71 -35.28
N GLU D 289 -2.82 20.27 -36.46
CA GLU D 289 -4.06 20.76 -37.01
C GLU D 289 -5.24 20.29 -36.16
N LYS D 290 -5.29 18.97 -35.87
CA LYS D 290 -6.41 18.49 -35.02
C LYS D 290 -6.35 19.10 -33.63
N LEU D 291 -5.20 19.47 -33.10
CA LEU D 291 -5.06 20.04 -31.80
C LEU D 291 -5.69 21.42 -31.80
N LEU D 292 -5.40 22.19 -32.86
CA LEU D 292 -5.97 23.54 -32.97
C LEU D 292 -7.45 23.49 -33.21
N GLN D 293 -7.90 22.49 -33.91
CA GLN D 293 -9.35 22.32 -34.20
C GLN D 293 -10.05 22.05 -32.90
N SER D 294 -9.49 21.17 -32.07
CA SER D 294 -9.93 20.81 -30.76
C SER D 294 -10.08 22.06 -29.87
N ARG D 295 -9.06 22.90 -29.91
CA ARG D 295 -9.03 24.12 -29.15
C ARG D 295 -10.11 25.11 -29.53
N ASP D 296 -10.41 25.21 -30.82
CA ASP D 296 -11.43 26.12 -31.33
C ASP D 296 -12.80 25.68 -30.84
N TYR D 297 -13.06 24.39 -30.77
CA TYR D 297 -14.32 23.90 -30.25
C TYR D 297 -14.45 24.20 -28.77
N ILE D 298 -13.40 24.01 -27.98
CA ILE D 298 -13.48 24.27 -26.55
C ILE D 298 -13.75 25.74 -26.29
N GLN D 299 -13.03 26.57 -27.02
CA GLN D 299 -13.18 28.02 -26.92
C GLN D 299 -14.59 28.47 -27.22
N GLN D 300 -15.16 27.95 -28.31
CA GLN D 300 -16.52 28.30 -28.70
C GLN D 300 -17.54 27.81 -27.69
N ARG D 301 -17.47 26.56 -27.23
CA ARG D 301 -18.43 26.07 -26.24
C ARG D 301 -18.31 26.79 -24.91
N PHE D 302 -17.11 27.25 -24.60
CA PHE D 302 -16.85 27.97 -23.37
C PHE D 302 -17.50 29.36 -23.48
N ASP D 303 -17.33 29.93 -24.69
CA ASP D 303 -17.92 31.26 -24.92
C ASP D 303 -19.42 31.27 -24.72
N GLU D 304 -20.06 30.30 -25.26
CA GLU D 304 -21.49 30.09 -25.15
C GLU D 304 -21.94 29.98 -23.69
N ILE D 305 -21.31 29.09 -22.89
CA ILE D 305 -21.76 28.92 -21.51
C ILE D 305 -21.37 30.04 -20.60
N VAL D 306 -20.27 30.70 -20.85
CA VAL D 306 -19.92 31.82 -19.96
C VAL D 306 -20.92 32.94 -20.24
N ASP D 307 -21.59 32.99 -21.43
CA ASP D 307 -22.56 34.02 -21.71
C ASP D 307 -23.81 33.90 -20.85
N THR D 308 -24.12 32.69 -20.44
CA THR D 308 -25.28 32.41 -19.61
C THR D 308 -25.02 32.66 -18.12
N LEU D 309 -23.82 33.06 -17.72
CA LEU D 309 -23.53 33.30 -16.32
C LEU D 309 -24.39 34.49 -15.86
#